data_8DQ8
#
_entry.id   8DQ8
#
_cell.length_a   86.270
_cell.length_b   86.270
_cell.length_c   122.470
_cell.angle_alpha   90.000
_cell.angle_beta   90.000
_cell.angle_gamma   90.000
#
_symmetry.space_group_name_H-M   'P 43'
#
loop_
_entity.id
_entity.type
_entity.pdbx_description
1 polymer 'Amine oxidase'
2 non-polymer (S)-3-(1-METHYLPYRROLIDIN-2-YL)PYRIDINE
3 non-polymer 'DIHYDROFLAVINE-ADENINE DINUCLEOTIDE'
4 non-polymer 1,2-ETHANEDIOL
5 water water
#
_entity_poly.entity_id   1
_entity_poly.type   'polypeptide(L)'
_entity_poly.pdbx_seq_one_letter_code
;GFDYDVVVVGGGFAGATAARECGLQGYRTLLLEARSRLGGRTFTSRFAGQEIELGGTWVHWLQPHVWAEMQRYGLGVVED
PLTNLDKTLIMYNDGIVESISPDEFGKNIRIAFEKLCHDAWEVFPRPHEPMFTERARELDKSSVLDRIKTLGLSRLQQAQ
INSYMALYAGETTDKFGLPGVLKLFACGGWNYDAFMDTETHYRIQGGTIGLINAMLTDSGAEVRMSVPVTAVEQVNGGVK
IKTDDDEIITAGVVVMTVPLNTYKHIDFTPALSKGKQRFIKEGQLSKGAKLYVHVKQNLGRVFAFADEQQPLNWVQTRDY
SDELGTILSITIARKETIDVNDRDAVTREVQKMFPGVEVLGTAAYDWTADPFSLGAWAAYGVGQLSRLKDLQAAEGRIVF
AGAETSNGWHASIDGAVESGLRAGREVKQLLS
;
_entity_poly.pdbx_strand_id   A,B
#
loop_
_chem_comp.id
_chem_comp.type
_chem_comp.name
_chem_comp.formula
EDO non-polymer 1,2-ETHANEDIOL 'C2 H6 O2'
FDA non-polymer 'DIHYDROFLAVINE-ADENINE DINUCLEOTIDE' 'C27 H35 N9 O15 P2'
NCT non-polymer (S)-3-(1-METHYLPYRROLIDIN-2-YL)PYRIDINE 'C10 H14 N2'
#
# COMPACT_ATOMS: atom_id res chain seq x y z
N GLY A 1 17.38 -34.18 -7.14
CA GLY A 1 16.64 -35.30 -6.54
C GLY A 1 16.46 -35.14 -5.04
N PHE A 2 16.04 -33.97 -4.60
CA PHE A 2 15.86 -33.73 -3.17
C PHE A 2 14.44 -34.09 -2.74
N ASP A 3 14.22 -34.14 -1.42
CA ASP A 3 12.90 -34.45 -0.90
C ASP A 3 11.89 -33.37 -1.32
N TYR A 4 12.29 -32.10 -1.29
CA TYR A 4 11.45 -30.99 -1.65
C TYR A 4 12.23 -30.02 -2.51
N ASP A 5 11.51 -29.25 -3.32
CA ASP A 5 12.12 -28.12 -4.01
C ASP A 5 12.53 -27.06 -3.00
N VAL A 6 11.63 -26.74 -2.06
CA VAL A 6 11.89 -25.67 -1.11
C VAL A 6 11.34 -26.08 0.26
N VAL A 7 12.12 -25.78 1.30
CA VAL A 7 11.66 -25.91 2.70
C VAL A 7 11.65 -24.52 3.32
N VAL A 8 10.50 -24.12 3.87
CA VAL A 8 10.33 -22.83 4.56
C VAL A 8 10.40 -23.11 6.06
N VAL A 9 11.31 -22.42 6.77
CA VAL A 9 11.48 -22.63 8.23
C VAL A 9 10.71 -21.50 8.93
N GLY A 10 9.60 -21.83 9.59
CA GLY A 10 8.82 -20.84 10.33
C GLY A 10 7.47 -20.55 9.68
N GLY A 11 6.43 -20.54 10.51
CA GLY A 11 5.04 -20.37 10.07
C GLY A 11 4.38 -19.10 10.61
N GLY A 12 5.13 -18.00 10.71
CA GLY A 12 4.54 -16.67 10.89
C GLY A 12 4.19 -16.10 9.51
N PHE A 13 3.95 -14.77 9.46
CA PHE A 13 3.50 -14.20 8.17
C PHE A 13 4.58 -14.28 7.11
N ALA A 14 5.85 -14.14 7.49
CA ALA A 14 6.88 -14.21 6.43
C ALA A 14 6.90 -15.61 5.81
N GLY A 15 6.87 -16.65 6.66
CA GLY A 15 6.90 -18.03 6.15
C GLY A 15 5.61 -18.41 5.42
N ALA A 16 4.45 -17.99 5.95
CA ALA A 16 3.20 -18.34 5.26
C ALA A 16 3.18 -17.69 3.87
N THR A 17 3.64 -16.43 3.80
CA THR A 17 3.66 -15.73 2.51
C THR A 17 4.60 -16.45 1.54
N ALA A 18 5.83 -16.75 2.00
CA ALA A 18 6.80 -17.40 1.11
C ALA A 18 6.29 -18.76 0.61
N ALA A 19 5.69 -19.56 1.51
CA ALA A 19 5.18 -20.88 1.12
C ALA A 19 4.06 -20.73 0.09
N ARG A 20 3.21 -19.72 0.27
CA ARG A 20 2.15 -19.47 -0.71
C ARG A 20 2.76 -19.11 -2.09
N GLU A 21 3.73 -18.20 -2.09
CA GLU A 21 4.36 -17.83 -3.36
C GLU A 21 4.97 -19.05 -4.02
N CYS A 22 5.65 -19.90 -3.25
CA CYS A 22 6.33 -21.05 -3.86
C CYS A 22 5.32 -22.10 -4.32
N GLY A 23 4.31 -22.37 -3.50
CA GLY A 23 3.35 -23.41 -3.86
C GLY A 23 2.59 -23.05 -5.12
N LEU A 24 2.25 -21.76 -5.29
CA LEU A 24 1.49 -21.38 -6.49
C LEU A 24 2.31 -21.54 -7.77
N GLN A 25 3.64 -21.52 -7.70
CA GLN A 25 4.48 -21.84 -8.85
C GLN A 25 4.57 -23.33 -9.12
N GLY A 26 4.06 -24.17 -8.22
CA GLY A 26 4.14 -25.59 -8.42
C GLY A 26 5.34 -26.24 -7.79
N TYR A 27 6.11 -25.51 -7.00
CA TYR A 27 7.28 -26.11 -6.36
C TYR A 27 6.80 -27.04 -5.26
N ARG A 28 7.47 -28.16 -5.11
CA ARG A 28 7.15 -29.06 -3.98
C ARG A 28 7.65 -28.40 -2.70
N THR A 29 6.74 -28.00 -1.84
CA THR A 29 7.04 -27.09 -0.74
C THR A 29 6.68 -27.70 0.62
N LEU A 30 7.60 -27.56 1.58
CA LEU A 30 7.36 -28.03 2.96
C LEU A 30 7.60 -26.85 3.90
N LEU A 31 6.71 -26.62 4.85
CA LEU A 31 6.93 -25.62 5.89
C LEU A 31 7.09 -26.31 7.24
N LEU A 32 8.18 -26.01 7.95
CA LEU A 32 8.48 -26.56 9.26
C LEU A 32 8.33 -25.46 10.31
N GLU A 33 7.49 -25.70 11.30
CA GLU A 33 7.24 -24.69 12.34
C GLU A 33 7.56 -25.28 13.72
N ALA A 34 8.27 -24.50 14.55
CA ALA A 34 8.77 -25.02 15.83
C ALA A 34 7.67 -25.18 16.89
N ARG A 35 6.80 -24.20 17.01
CA ARG A 35 5.74 -24.23 18.02
C ARG A 35 4.67 -25.22 17.60
N SER A 36 3.77 -25.54 18.53
CA SER A 36 2.64 -26.39 18.20
C SER A 36 1.47 -25.59 17.64
N ARG A 37 1.71 -24.38 17.16
CA ARG A 37 0.69 -23.55 16.50
C ARG A 37 1.36 -22.76 15.41
N LEU A 38 0.52 -22.17 14.52
CA LEU A 38 1.00 -21.25 13.50
C LEU A 38 0.82 -19.80 13.99
N GLY A 39 1.41 -18.84 13.26
CA GLY A 39 1.20 -17.43 13.48
C GLY A 39 2.40 -16.68 14.02
N GLY A 40 3.30 -17.38 14.70
CA GLY A 40 4.56 -16.80 15.16
C GLY A 40 4.30 -15.67 16.16
N ARG A 41 4.77 -14.47 15.81
CA ARG A 41 4.58 -13.30 16.70
C ARG A 41 3.20 -12.69 16.55
N THR A 42 2.29 -13.39 15.85
CA THR A 42 0.87 -13.13 15.98
C THR A 42 0.24 -14.38 16.56
N PHE A 43 -0.82 -14.17 17.36
CA PHE A 43 -1.47 -15.29 18.06
C PHE A 43 -2.92 -14.89 18.36
N THR A 44 -3.87 -15.50 17.64
CA THR A 44 -5.28 -15.26 17.87
C THR A 44 -5.74 -16.20 18.96
N SER A 45 -6.43 -15.66 19.97
CA SER A 45 -6.92 -16.45 21.07
C SER A 45 -8.30 -15.90 21.48
N ARG A 46 -8.77 -16.32 22.67
CA ARG A 46 -10.08 -15.91 23.18
C ARG A 46 -9.96 -15.50 24.63
N PHE A 47 -10.73 -14.50 25.03
CA PHE A 47 -10.68 -14.01 26.42
C PHE A 47 -11.95 -13.23 26.72
N ALA A 48 -12.59 -13.52 27.85
CA ALA A 48 -13.77 -12.80 28.29
C ALA A 48 -14.85 -12.78 27.19
N GLY A 49 -14.96 -13.88 26.44
CA GLY A 49 -15.95 -13.97 25.39
C GLY A 49 -15.62 -13.29 24.07
N GLN A 50 -14.43 -12.70 23.93
CA GLN A 50 -14.04 -12.01 22.71
C GLN A 50 -12.83 -12.68 22.09
N GLU A 51 -12.67 -12.47 20.79
CA GLU A 51 -11.45 -12.87 20.12
C GLU A 51 -10.37 -11.80 20.33
N ILE A 52 -9.18 -12.22 20.73
CA ILE A 52 -8.11 -11.26 21.06
C ILE A 52 -6.85 -11.62 20.28
N GLU A 53 -5.95 -10.65 20.15
CA GLU A 53 -4.70 -10.80 19.42
C GLU A 53 -3.54 -10.52 20.39
N LEU A 54 -2.86 -11.57 20.83
CA LEU A 54 -1.85 -11.42 21.87
C LEU A 54 -0.49 -11.01 21.33
N GLY A 55 -0.32 -10.99 19.99
CA GLY A 55 0.87 -10.40 19.39
C GLY A 55 0.48 -9.31 18.41
N GLY A 56 1.02 -9.39 17.21
CA GLY A 56 0.70 -8.39 16.20
C GLY A 56 -0.79 -8.37 15.94
N THR A 57 -1.35 -7.14 15.85
CA THR A 57 -2.81 -6.97 15.87
C THR A 57 -3.33 -6.05 14.77
N TRP A 58 -2.76 -4.83 14.64
CA TRP A 58 -3.42 -3.80 13.84
C TRP A 58 -2.68 -3.56 12.51
N VAL A 59 -3.44 -3.19 11.48
CA VAL A 59 -2.96 -3.06 10.11
C VAL A 59 -3.64 -1.82 9.51
N HIS A 60 -3.29 -1.51 8.26
CA HIS A 60 -3.84 -0.30 7.63
C HIS A 60 -3.68 -0.41 6.11
N TRP A 61 -4.50 0.33 5.39
CA TRP A 61 -4.45 0.30 3.93
C TRP A 61 -3.26 1.06 3.37
N LEU A 62 -2.56 1.89 4.15
CA LEU A 62 -1.30 2.49 3.71
C LEU A 62 -0.16 1.46 3.76
N GLN A 63 -0.41 0.27 4.30
CA GLN A 63 0.62 -0.78 4.35
C GLN A 63 0.43 -1.71 3.15
N PRO A 64 1.27 -1.62 2.13
CA PRO A 64 0.87 -2.16 0.81
C PRO A 64 0.79 -3.69 0.78
N HIS A 65 1.72 -4.40 1.42
CA HIS A 65 1.76 -5.84 1.23
C HIS A 65 0.59 -6.52 1.95
N VAL A 66 0.38 -6.15 3.23
CA VAL A 66 -0.72 -6.80 3.96
C VAL A 66 -2.06 -6.35 3.39
N TRP A 67 -2.18 -5.09 2.98
CA TRP A 67 -3.45 -4.68 2.39
C TRP A 67 -3.75 -5.45 1.11
N ALA A 68 -2.74 -5.60 0.24
CA ALA A 68 -3.02 -6.38 -0.97
C ALA A 68 -3.51 -7.80 -0.63
N GLU A 69 -2.93 -8.42 0.42
CA GLU A 69 -3.42 -9.76 0.81
C GLU A 69 -4.88 -9.70 1.28
N MET A 70 -5.23 -8.65 2.03
CA MET A 70 -6.62 -8.53 2.49
C MET A 70 -7.56 -8.33 1.31
N GLN A 71 -7.11 -7.59 0.29
CA GLN A 71 -7.90 -7.46 -0.94
C GLN A 71 -8.08 -8.83 -1.63
N ARG A 72 -6.99 -9.60 -1.75
CA ARG A 72 -7.05 -10.90 -2.40
C ARG A 72 -8.01 -11.85 -1.66
N TYR A 73 -7.93 -11.90 -0.34
CA TYR A 73 -8.75 -12.88 0.41
C TYR A 73 -10.07 -12.29 0.91
N GLY A 74 -10.35 -11.04 0.58
CA GLY A 74 -11.64 -10.44 0.93
C GLY A 74 -11.79 -10.21 2.43
N LEU A 75 -10.75 -9.73 3.10
CA LEU A 75 -10.80 -9.45 4.53
C LEU A 75 -11.02 -7.96 4.75
N GLY A 76 -12.10 -7.62 5.44
CA GLY A 76 -12.37 -6.23 5.81
C GLY A 76 -11.54 -5.83 7.04
N VAL A 77 -11.75 -4.56 7.46
CA VAL A 77 -11.16 -4.07 8.72
C VAL A 77 -12.21 -4.13 9.83
N VAL A 78 -11.71 -4.24 11.06
CA VAL A 78 -12.55 -4.20 12.26
C VAL A 78 -12.01 -3.05 13.11
N GLU A 79 -12.83 -2.04 13.36
CA GLU A 79 -12.33 -0.82 14.00
C GLU A 79 -12.37 -0.89 15.53
N ASP A 80 -11.23 -0.66 16.16
CA ASP A 80 -11.23 -0.54 17.62
C ASP A 80 -11.53 0.90 17.99
N PRO A 81 -12.01 1.15 19.24
CA PRO A 81 -12.55 2.51 19.59
C PRO A 81 -11.49 3.55 19.96
N LEU A 82 -10.83 4.11 18.94
CA LEU A 82 -9.77 5.10 19.12
C LEU A 82 -10.23 6.53 18.90
N THR A 83 -11.38 6.72 18.25
CA THR A 83 -11.91 8.07 18.06
C THR A 83 -12.90 8.39 19.16
N ASN A 84 -13.15 9.69 19.34
CA ASN A 84 -14.11 10.15 20.34
C ASN A 84 -13.82 9.56 21.71
N LEU A 85 -12.57 9.72 22.16
CA LEU A 85 -12.16 9.10 23.42
C LEU A 85 -12.84 9.76 24.61
N ASP A 86 -13.13 8.93 25.64
CA ASP A 86 -13.68 9.42 26.90
C ASP A 86 -12.57 9.90 27.84
N LYS A 87 -11.42 9.23 27.84
CA LYS A 87 -10.31 9.53 28.77
C LYS A 87 -8.99 9.35 28.05
N THR A 88 -8.06 10.30 28.23
CA THR A 88 -6.68 10.12 27.74
C THR A 88 -5.76 10.45 28.92
N LEU A 89 -4.91 9.48 29.29
CA LEU A 89 -4.06 9.56 30.46
C LEU A 89 -2.59 9.55 30.09
N ILE A 90 -1.77 10.29 30.88
CA ILE A 90 -0.33 10.13 30.83
C ILE A 90 0.12 9.69 32.23
N MET A 91 0.93 8.64 32.30
CA MET A 91 1.56 8.24 33.57
C MET A 91 3.04 8.56 33.43
N TYR A 92 3.53 9.47 34.25
CA TYR A 92 4.92 9.91 34.15
C TYR A 92 5.84 8.88 34.80
N ASN A 93 7.16 9.05 34.58
CA ASN A 93 8.13 8.14 35.22
C ASN A 93 7.98 8.15 36.74
N ASP A 94 7.61 9.29 37.33
CA ASP A 94 7.49 9.38 38.79
C ASP A 94 6.19 8.77 39.33
N GLY A 95 5.37 8.14 38.49
CA GLY A 95 4.18 7.43 38.97
C GLY A 95 2.91 8.24 38.97
N ILE A 96 2.97 9.54 38.70
CA ILE A 96 1.75 10.36 38.70
C ILE A 96 0.93 10.03 37.46
N VAL A 97 -0.38 9.83 37.64
CA VAL A 97 -1.30 9.65 36.51
C VAL A 97 -2.11 10.92 36.36
N GLU A 98 -2.08 11.53 35.18
CA GLU A 98 -2.75 12.79 34.91
C GLU A 98 -3.72 12.61 33.75
N SER A 99 -4.96 13.02 33.96
CA SER A 99 -5.99 13.00 32.92
C SER A 99 -5.88 14.29 32.14
N ILE A 100 -5.78 14.19 30.82
CA ILE A 100 -5.60 15.33 29.93
C ILE A 100 -6.83 15.43 29.04
N SER A 101 -7.27 16.65 28.72
CA SER A 101 -8.35 16.74 27.75
C SER A 101 -7.97 15.98 26.47
N PRO A 102 -8.85 15.10 25.94
CA PRO A 102 -8.41 14.32 24.76
C PRO A 102 -7.93 15.19 23.59
N ASP A 103 -8.61 16.31 23.30
CA ASP A 103 -8.17 17.17 22.19
C ASP A 103 -6.75 17.66 22.44
N GLU A 104 -6.47 18.17 23.64
CA GLU A 104 -5.13 18.63 24.00
C GLU A 104 -4.12 17.49 24.00
N PHE A 105 -4.53 16.31 24.48
CA PHE A 105 -3.63 15.16 24.48
C PHE A 105 -3.14 14.87 23.06
N GLY A 106 -4.08 14.83 22.11
CA GLY A 106 -3.71 14.51 20.72
C GLY A 106 -2.86 15.61 20.09
N LYS A 107 -3.18 16.88 20.38
CA LYS A 107 -2.39 18.00 19.84
C LYS A 107 -0.94 17.89 20.29
N ASN A 108 -0.74 17.52 21.55
CA ASN A 108 0.60 17.51 22.10
C ASN A 108 1.43 16.32 21.61
N ILE A 109 0.83 15.12 21.47
CA ILE A 109 1.66 14.06 20.88
C ILE A 109 1.93 14.35 19.40
N ARG A 110 0.99 14.97 18.70
CA ARG A 110 1.27 15.32 17.30
C ARG A 110 2.44 16.31 17.20
N ILE A 111 2.45 17.34 18.04
CA ILE A 111 3.57 18.29 18.00
C ILE A 111 4.90 17.59 18.31
N ALA A 112 4.91 16.74 19.33
CA ALA A 112 6.16 16.05 19.69
C ALA A 112 6.64 15.17 18.55
N PHE A 113 5.72 14.45 17.91
CA PHE A 113 6.14 13.50 16.87
C PHE A 113 6.61 14.22 15.63
N GLU A 114 5.88 15.27 15.22
CA GLU A 114 6.30 16.01 14.03
C GLU A 114 7.65 16.68 14.26
N LYS A 115 7.91 17.15 15.49
CA LYS A 115 9.24 17.68 15.81
C LYS A 115 10.31 16.59 15.76
N LEU A 116 10.05 15.42 16.36
CA LEU A 116 11.03 14.33 16.33
C LEU A 116 11.36 13.92 14.89
N CYS A 117 10.37 13.92 14.00
CA CYS A 117 10.53 13.45 12.62
C CYS A 117 10.57 14.61 11.61
N HIS A 118 11.05 15.79 12.05
CA HIS A 118 10.93 16.99 11.22
C HIS A 118 11.65 16.82 9.88
N ASP A 119 12.69 16.00 9.83
CA ASP A 119 13.47 15.89 8.60
C ASP A 119 13.18 14.59 7.83
N ALA A 120 12.04 13.96 8.09
CA ALA A 120 11.79 12.65 7.48
C ALA A 120 11.74 12.73 5.97
N TRP A 121 11.22 13.84 5.42
CA TRP A 121 11.15 13.98 3.95
C TRP A 121 12.53 14.02 3.33
N GLU A 122 13.47 14.71 3.97
CA GLU A 122 14.81 14.85 3.44
C GLU A 122 15.63 13.60 3.68
N VAL A 123 15.44 12.93 4.81
CA VAL A 123 16.26 11.76 5.11
C VAL A 123 15.74 10.52 4.40
N PHE A 124 14.41 10.37 4.32
CA PHE A 124 13.77 9.18 3.73
C PHE A 124 12.78 9.60 2.65
N PRO A 125 13.25 10.12 1.54
CA PRO A 125 12.34 10.29 0.39
C PRO A 125 11.88 8.98 -0.18
N ARG A 126 12.62 7.87 0.07
CA ARG A 126 12.32 6.56 -0.49
C ARG A 126 12.42 5.58 0.65
N PRO A 127 11.40 5.51 1.52
CA PRO A 127 11.52 4.66 2.74
C PRO A 127 11.79 3.18 2.45
N HIS A 128 11.44 2.67 1.26
CA HIS A 128 11.80 1.27 0.96
C HIS A 128 13.23 1.11 0.48
N GLU A 129 14.00 2.20 0.44
CA GLU A 129 15.46 2.12 0.19
C GLU A 129 16.13 2.86 1.34
N PRO A 130 16.25 2.20 2.49
CA PRO A 130 16.55 2.92 3.75
C PRO A 130 17.86 3.69 3.73
N MET A 131 18.87 3.23 2.98
CA MET A 131 20.16 3.93 2.95
C MET A 131 20.33 4.76 1.67
N PHE A 132 19.20 5.20 1.08
CA PHE A 132 19.25 5.97 -0.16
C PHE A 132 20.04 7.26 0.04
N THR A 133 19.84 7.95 1.19
CA THR A 133 20.49 9.24 1.40
C THR A 133 21.72 9.12 2.31
N GLU A 134 22.68 10.02 2.09
CA GLU A 134 23.82 10.08 3.01
C GLU A 134 23.37 10.48 4.41
N ARG A 135 22.36 11.33 4.52
CA ARG A 135 21.91 11.79 5.82
C ARG A 135 21.40 10.63 6.67
N ALA A 136 20.75 9.63 6.05
CA ALA A 136 20.25 8.50 6.84
C ALA A 136 21.41 7.71 7.44
N ARG A 137 22.50 7.52 6.67
CA ARG A 137 23.64 6.83 7.24
C ARG A 137 24.27 7.66 8.35
N GLU A 138 24.37 8.99 8.15
CA GLU A 138 24.96 9.85 9.20
C GLU A 138 24.10 9.80 10.48
N LEU A 139 22.77 9.80 10.32
CA LEU A 139 21.89 9.80 11.48
C LEU A 139 21.92 8.45 12.19
N ASP A 140 22.38 7.42 11.54
CA ASP A 140 22.45 6.13 12.22
C ASP A 140 23.58 6.08 13.31
N LYS A 141 24.28 7.19 13.58
CA LYS A 141 25.15 7.27 14.74
C LYS A 141 24.43 7.76 15.98
N SER A 142 23.16 8.14 15.87
CA SER A 142 22.42 8.74 16.97
C SER A 142 21.25 7.86 17.42
N SER A 143 20.88 8.03 18.69
CA SER A 143 19.70 7.36 19.25
C SER A 143 18.50 8.29 19.21
N VAL A 144 17.33 7.72 19.49
CA VAL A 144 16.13 8.55 19.58
C VAL A 144 16.24 9.54 20.75
N LEU A 145 16.78 9.10 21.89
CA LEU A 145 16.92 10.07 23.01
C LEU A 145 17.83 11.22 22.62
N ASP A 146 18.92 10.93 21.89
CA ASP A 146 19.80 12.01 21.42
C ASP A 146 18.98 13.11 20.74
N ARG A 147 18.03 12.72 19.87
CA ARG A 147 17.25 13.75 19.19
C ARG A 147 16.24 14.39 20.14
N ILE A 148 15.56 13.58 20.96
CA ILE A 148 14.56 14.14 21.87
C ILE A 148 15.17 15.26 22.71
N LYS A 149 16.43 15.11 23.12
CA LYS A 149 17.03 16.11 23.99
C LYS A 149 17.16 17.48 23.34
N THR A 150 17.06 17.56 22.01
CA THR A 150 17.24 18.82 21.29
C THR A 150 15.93 19.48 20.88
N LEU A 151 14.76 18.90 21.20
CA LEU A 151 13.50 19.37 20.67
C LEU A 151 12.85 20.46 21.51
N GLY A 152 13.29 20.66 22.74
CA GLY A 152 12.65 21.63 23.63
C GLY A 152 11.20 21.31 23.92
N LEU A 153 10.87 20.03 24.11
CA LEU A 153 9.49 19.64 24.40
C LEU A 153 9.04 20.04 25.80
N SER A 154 7.72 20.15 25.99
CA SER A 154 7.12 20.37 27.32
C SER A 154 7.16 19.05 28.12
N ARG A 155 6.82 19.13 29.44
CA ARG A 155 6.83 17.92 30.25
C ARG A 155 5.83 16.89 29.72
N LEU A 156 4.63 17.35 29.38
CA LEU A 156 3.63 16.45 28.78
C LEU A 156 4.18 15.84 27.48
N GLN A 157 4.67 16.69 26.58
CA GLN A 157 5.12 16.20 25.26
C GLN A 157 6.29 15.24 25.42
N GLN A 158 7.25 15.56 26.28
CA GLN A 158 8.39 14.67 26.43
C GLN A 158 7.97 13.33 26.97
N ALA A 159 7.06 13.32 27.95
CA ALA A 159 6.59 12.05 28.49
C ALA A 159 5.81 11.24 27.44
N GLN A 160 4.97 11.91 26.66
CA GLN A 160 4.22 11.19 25.60
C GLN A 160 5.14 10.58 24.56
N ILE A 161 6.08 11.37 24.05
CA ILE A 161 6.89 10.84 22.94
C ILE A 161 7.89 9.82 23.48
N ASN A 162 8.39 10.01 24.70
CA ASN A 162 9.30 8.98 25.22
C ASN A 162 8.54 7.69 25.50
N SER A 163 7.30 7.76 25.97
CA SER A 163 6.51 6.53 26.13
CA SER A 163 6.52 6.54 26.13
C SER A 163 6.36 5.82 24.80
N TYR A 164 5.93 6.57 23.76
CA TYR A 164 5.73 6.00 22.42
C TYR A 164 7.00 5.33 21.91
N MET A 165 8.12 6.03 22.05
CA MET A 165 9.40 5.53 21.55
C MET A 165 9.94 4.35 22.37
N ALA A 166 9.75 4.35 23.71
CA ALA A 166 10.16 3.18 24.47
C ALA A 166 9.35 1.96 24.06
N LEU A 167 8.06 2.12 23.81
CA LEU A 167 7.27 1.00 23.27
C LEU A 167 7.86 0.52 21.94
N TYR A 168 8.11 1.43 20.97
CA TYR A 168 8.63 0.92 19.70
C TYR A 168 10.04 0.32 19.84
N ALA A 169 10.81 0.77 20.82
CA ALA A 169 12.11 0.14 21.06
C ALA A 169 12.00 -1.19 21.79
N GLY A 170 10.92 -1.41 22.55
CA GLY A 170 10.91 -2.44 23.56
C GLY A 170 12.10 -2.35 24.49
N GLU A 171 12.47 -1.13 24.90
CA GLU A 171 13.72 -0.83 25.61
C GLU A 171 13.73 0.66 25.97
N THR A 172 14.71 1.08 26.76
CA THR A 172 14.83 2.51 27.02
C THR A 172 15.32 3.26 25.76
N THR A 173 14.94 4.53 25.64
CA THR A 173 15.12 5.22 24.35
C THR A 173 16.56 5.65 24.09
N ASP A 174 17.43 5.60 25.12
CA ASP A 174 18.87 5.80 24.88
C ASP A 174 19.53 4.71 24.03
N LYS A 175 18.88 3.56 23.90
CA LYS A 175 19.39 2.47 23.08
C LYS A 175 18.75 2.37 21.71
N PHE A 176 17.74 3.18 21.43
CA PHE A 176 16.90 2.99 20.24
C PHE A 176 17.48 3.77 19.05
N GLY A 177 17.67 3.09 17.92
CA GLY A 177 18.19 3.78 16.72
C GLY A 177 17.17 4.80 16.20
N LEU A 178 17.67 5.98 15.82
CA LEU A 178 16.81 7.06 15.30
C LEU A 178 16.31 6.86 13.86
N PRO A 179 17.18 6.48 12.92
CA PRO A 179 16.71 6.41 11.51
C PRO A 179 15.54 5.48 11.31
N GLY A 180 15.50 4.33 12.03
CA GLY A 180 14.41 3.40 11.85
C GLY A 180 13.03 4.01 12.16
N VAL A 181 12.98 4.93 13.12
CA VAL A 181 11.73 5.62 13.43
C VAL A 181 11.40 6.61 12.34
N LEU A 182 12.38 7.45 11.95
CA LEU A 182 12.09 8.36 10.85
C LEU A 182 11.56 7.60 9.64
N LYS A 183 12.07 6.39 9.41
CA LYS A 183 11.70 5.65 8.23
C LYS A 183 10.27 5.16 8.32
N LEU A 184 9.86 4.68 9.51
CA LEU A 184 8.48 4.25 9.68
C LEU A 184 7.54 5.44 9.49
N PHE A 185 7.89 6.60 10.06
CA PHE A 185 7.09 7.81 9.86
C PHE A 185 6.94 8.13 8.37
N ALA A 186 8.03 8.03 7.62
CA ALA A 186 7.97 8.20 6.15
C ALA A 186 7.05 7.18 5.50
N CYS A 187 7.11 5.91 5.93
CA CYS A 187 6.21 4.90 5.38
C CYS A 187 4.73 5.31 5.57
N GLY A 188 4.42 5.94 6.71
CA GLY A 188 3.07 6.39 7.00
C GLY A 188 2.72 7.74 6.39
N GLY A 189 3.24 8.06 5.22
CA GLY A 189 2.90 9.29 4.51
C GLY A 189 3.55 10.55 5.07
N TRP A 190 4.68 10.43 5.79
CA TRP A 190 5.43 11.58 6.32
C TRP A 190 4.55 12.54 7.12
N ASN A 191 3.59 12.00 7.87
CA ASN A 191 2.63 12.84 8.58
CA ASN A 191 2.74 12.88 8.66
C ASN A 191 2.13 12.10 9.81
N TYR A 192 2.03 12.79 10.96
CA TYR A 192 1.69 12.11 12.20
C TYR A 192 0.27 11.54 12.17
N ASP A 193 -0.73 12.33 11.74
CA ASP A 193 -2.11 11.82 11.77
C ASP A 193 -2.25 10.50 10.99
N ALA A 194 -1.68 10.48 9.77
CA ALA A 194 -1.71 9.24 8.97
C ALA A 194 -0.96 8.11 9.66
N PHE A 195 0.28 8.39 10.12
CA PHE A 195 1.10 7.34 10.74
C PHE A 195 0.41 6.75 11.97
N MET A 196 -0.08 7.60 12.87
CA MET A 196 -0.80 7.10 14.04
C MET A 196 -1.98 6.23 13.64
N ASP A 197 -2.75 6.65 12.62
CA ASP A 197 -3.89 5.81 12.22
C ASP A 197 -3.44 4.41 11.79
N THR A 198 -2.22 4.28 11.26
CA THR A 198 -1.81 2.96 10.79
C THR A 198 -1.47 2.01 11.94
N GLU A 199 -1.31 2.49 13.15
CA GLU A 199 -0.62 1.68 14.15
C GLU A 199 -1.54 0.90 15.09
N THR A 200 -2.66 1.47 15.57
CA THR A 200 -3.45 0.71 16.56
C THR A 200 -4.95 0.87 16.36
N HIS A 201 -5.40 1.14 15.12
CA HIS A 201 -6.81 1.48 14.95
C HIS A 201 -7.64 0.34 14.36
N TYR A 202 -7.13 -0.39 13.34
CA TYR A 202 -7.95 -1.36 12.61
C TYR A 202 -7.33 -2.76 12.72
N ARG A 203 -8.18 -3.76 13.04
CA ARG A 203 -7.80 -5.18 13.08
C ARG A 203 -8.27 -5.87 11.78
N ILE A 204 -7.72 -7.06 11.52
CA ILE A 204 -8.08 -7.88 10.36
C ILE A 204 -9.36 -8.64 10.67
N GLN A 205 -10.38 -8.50 9.77
CA GLN A 205 -11.59 -9.32 9.86
C GLN A 205 -11.22 -10.81 9.78
N GLY A 206 -11.63 -11.59 10.79
CA GLY A 206 -11.25 -12.99 10.86
C GLY A 206 -9.92 -13.27 11.52
N GLY A 207 -9.18 -12.25 11.90
CA GLY A 207 -7.99 -12.42 12.71
C GLY A 207 -6.72 -12.70 11.90
N THR A 208 -5.58 -12.50 12.59
CA THR A 208 -4.31 -12.82 11.97
C THR A 208 -4.29 -14.29 11.54
N ILE A 209 -4.79 -15.19 12.42
CA ILE A 209 -4.71 -16.62 12.09
C ILE A 209 -5.56 -16.91 10.87
N GLY A 210 -6.65 -16.16 10.68
CA GLY A 210 -7.46 -16.36 9.49
C GLY A 210 -6.68 -16.07 8.21
N LEU A 211 -5.88 -15.03 8.22
CA LEU A 211 -5.09 -14.71 7.02
C LEU A 211 -3.93 -15.72 6.83
N ILE A 212 -3.26 -16.11 7.94
CA ILE A 212 -2.26 -17.18 7.85
C ILE A 212 -2.85 -18.43 7.21
N ASN A 213 -4.01 -18.86 7.72
CA ASN A 213 -4.63 -20.08 7.23
C ASN A 213 -5.02 -19.96 5.77
N ALA A 214 -5.55 -18.79 5.38
CA ALA A 214 -5.91 -18.62 3.97
C ALA A 214 -4.67 -18.80 3.06
N MET A 215 -3.56 -18.15 3.42
CA MET A 215 -2.33 -18.27 2.64
C MET A 215 -1.86 -19.71 2.57
N LEU A 216 -1.83 -20.41 3.72
CA LEU A 216 -1.28 -21.78 3.68
C LEU A 216 -2.22 -22.72 2.97
N THR A 217 -3.54 -22.50 3.07
CA THR A 217 -4.46 -23.33 2.29
C THR A 217 -4.25 -23.13 0.80
N ASP A 218 -4.21 -21.86 0.39
CA ASP A 218 -3.85 -21.53 -0.99
C ASP A 218 -2.57 -22.21 -1.45
N SER A 219 -1.56 -22.27 -0.58
CA SER A 219 -0.22 -22.70 -0.96
C SER A 219 -0.18 -24.16 -1.37
N GLY A 220 -1.02 -25.01 -0.77
CA GLY A 220 -0.90 -26.43 -1.04
C GLY A 220 0.33 -27.08 -0.42
N ALA A 221 1.12 -26.34 0.35
CA ALA A 221 2.33 -26.88 0.94
C ALA A 221 2.00 -27.89 2.03
N GLU A 222 2.90 -28.81 2.24
CA GLU A 222 2.85 -29.66 3.41
C GLU A 222 3.32 -28.86 4.62
N VAL A 223 2.58 -28.92 5.72
CA VAL A 223 2.86 -28.12 6.90
C VAL A 223 3.02 -29.05 8.10
N ARG A 224 4.12 -28.89 8.83
CA ARG A 224 4.39 -29.70 10.02
C ARG A 224 4.69 -28.77 11.21
N MET A 225 4.03 -29.01 12.34
CA MET A 225 4.22 -28.23 13.54
C MET A 225 5.00 -29.02 14.59
N SER A 226 5.47 -28.32 15.60
CA SER A 226 6.27 -28.93 16.69
C SER A 226 7.54 -29.59 16.17
N VAL A 227 8.18 -28.95 15.20
CA VAL A 227 9.36 -29.49 14.54
C VAL A 227 10.39 -28.38 14.43
N PRO A 228 11.17 -28.12 15.45
CA PRO A 228 12.21 -27.10 15.35
C PRO A 228 13.36 -27.59 14.48
N VAL A 229 13.83 -26.72 13.59
CA VAL A 229 15.05 -26.97 12.85
C VAL A 229 16.24 -26.59 13.72
N THR A 230 17.24 -27.48 13.81
CA THR A 230 18.41 -27.15 14.61
C THR A 230 19.69 -27.10 13.81
N ALA A 231 19.67 -27.51 12.53
CA ALA A 231 20.89 -27.35 11.74
C ALA A 231 20.53 -27.32 10.26
N VAL A 232 21.35 -26.60 9.48
CA VAL A 232 21.19 -26.50 8.02
C VAL A 232 22.57 -26.65 7.42
N GLU A 233 22.73 -27.59 6.49
CA GLU A 233 24.01 -27.80 5.84
C GLU A 233 23.82 -27.73 4.32
N GLN A 234 24.61 -26.89 3.65
CA GLN A 234 24.60 -26.83 2.20
C GLN A 234 25.56 -27.90 1.66
N VAL A 235 25.04 -28.80 0.84
CA VAL A 235 25.82 -29.92 0.36
C VAL A 235 25.12 -30.48 -0.87
N ASN A 236 25.91 -31.00 -1.80
CA ASN A 236 25.35 -31.70 -2.97
C ASN A 236 24.49 -30.81 -3.85
N GLY A 237 24.76 -29.51 -3.88
CA GLY A 237 23.97 -28.62 -4.69
C GLY A 237 22.63 -28.24 -4.10
N GLY A 238 22.35 -28.66 -2.88
CA GLY A 238 21.11 -28.25 -2.24
C GLY A 238 21.41 -28.10 -0.77
N VAL A 239 20.46 -28.47 0.10
CA VAL A 239 20.58 -28.27 1.55
C VAL A 239 20.05 -29.51 2.27
N LYS A 240 20.69 -29.81 3.41
CA LYS A 240 20.27 -30.82 4.38
C LYS A 240 19.77 -30.09 5.62
N ILE A 241 18.53 -30.37 6.03
CA ILE A 241 17.89 -29.71 7.16
C ILE A 241 17.73 -30.78 8.24
N LYS A 242 18.18 -30.47 9.45
CA LYS A 242 18.12 -31.40 10.58
C LYS A 242 17.23 -30.83 11.66
N THR A 243 16.39 -31.67 12.22
CA THR A 243 15.46 -31.31 13.27
C THR A 243 15.97 -31.84 14.60
N ASP A 244 15.33 -31.44 15.68
CA ASP A 244 15.87 -31.78 17.00
C ASP A 244 15.94 -33.27 17.26
N ASP A 245 15.19 -34.09 16.53
CA ASP A 245 15.32 -35.54 16.71
C ASP A 245 16.26 -36.17 15.67
N ASP A 246 17.06 -35.35 14.99
CA ASP A 246 18.10 -35.79 14.05
C ASP A 246 17.56 -36.35 12.76
N GLU A 247 16.28 -36.20 12.49
CA GLU A 247 15.79 -36.50 11.14
C GLU A 247 16.36 -35.50 10.16
N ILE A 248 16.49 -35.92 8.90
CA ILE A 248 17.11 -35.11 7.86
C ILE A 248 16.15 -35.01 6.68
N ILE A 249 15.93 -33.77 6.22
CA ILE A 249 15.09 -33.48 5.08
C ILE A 249 15.99 -32.76 4.08
N THR A 250 15.93 -33.15 2.78
CA THR A 250 16.74 -32.45 1.79
C THR A 250 15.88 -31.57 0.90
N ALA A 251 16.50 -30.52 0.34
CA ALA A 251 15.73 -29.55 -0.46
C ALA A 251 16.66 -28.81 -1.42
N GLY A 252 16.08 -28.31 -2.52
CA GLY A 252 16.89 -27.49 -3.44
C GLY A 252 17.27 -26.16 -2.78
N VAL A 253 16.36 -25.57 -2.01
CA VAL A 253 16.51 -24.23 -1.44
C VAL A 253 15.79 -24.20 -0.08
N VAL A 254 16.33 -23.41 0.87
CA VAL A 254 15.68 -23.19 2.17
C VAL A 254 15.40 -21.70 2.35
N VAL A 255 14.20 -21.40 2.83
CA VAL A 255 13.85 -20.03 3.22
C VAL A 255 13.82 -19.95 4.73
N MET A 256 14.72 -19.16 5.31
CA MET A 256 14.77 -18.97 6.76
C MET A 256 13.91 -17.76 7.15
N THR A 257 12.93 -17.96 8.06
CA THR A 257 12.10 -16.82 8.47
C THR A 257 12.06 -16.68 9.98
N VAL A 258 12.90 -17.42 10.72
CA VAL A 258 12.86 -17.37 12.18
C VAL A 258 13.27 -15.99 12.69
N PRO A 259 12.83 -15.56 13.87
CA PRO A 259 13.22 -14.23 14.38
C PRO A 259 14.72 -14.18 14.60
N LEU A 260 15.29 -13.01 14.32
CA LEU A 260 16.73 -12.84 14.49
C LEU A 260 17.21 -13.31 15.86
N ASN A 261 16.47 -13.00 16.92
CA ASN A 261 16.94 -13.31 18.26
C ASN A 261 16.96 -14.80 18.58
N THR A 262 16.48 -15.64 17.66
CA THR A 262 16.45 -17.09 17.88
C THR A 262 17.48 -17.84 17.05
N TYR A 263 18.34 -17.12 16.30
CA TYR A 263 19.28 -17.85 15.44
C TYR A 263 20.26 -18.70 16.24
N LYS A 264 20.44 -18.44 17.53
CA LYS A 264 21.36 -19.27 18.28
C LYS A 264 20.93 -20.74 18.34
N HIS A 265 19.67 -21.05 18.04
CA HIS A 265 19.23 -22.45 18.06
C HIS A 265 19.70 -23.28 16.84
N ILE A 266 20.24 -22.63 15.81
CA ILE A 266 20.47 -23.26 14.50
C ILE A 266 21.94 -23.21 14.15
N ASP A 267 22.53 -24.37 13.86
CA ASP A 267 23.91 -24.45 13.38
C ASP A 267 23.93 -24.44 11.86
N PHE A 268 24.72 -23.53 11.27
CA PHE A 268 24.84 -23.43 9.81
C PHE A 268 26.18 -24.00 9.36
N THR A 269 26.16 -24.80 8.30
CA THR A 269 27.38 -25.31 7.67
C THR A 269 27.31 -25.06 6.17
N PRO A 270 28.24 -24.30 5.58
CA PRO A 270 29.31 -23.56 6.23
C PRO A 270 28.72 -22.43 7.03
N ALA A 271 29.54 -21.78 7.87
CA ALA A 271 29.07 -20.68 8.70
C ALA A 271 28.50 -19.56 7.83
N LEU A 272 27.62 -18.78 8.44
CA LEU A 272 27.10 -17.60 7.72
C LEU A 272 28.19 -16.52 7.65
N SER A 273 27.96 -15.56 6.76
CA SER A 273 28.91 -14.46 6.55
C SER A 273 29.15 -13.73 7.88
N LYS A 274 30.31 -13.06 7.97
CA LYS A 274 30.60 -12.33 9.20
C LYS A 274 29.55 -11.25 9.47
N GLY A 275 29.05 -10.57 8.43
CA GLY A 275 28.05 -9.56 8.64
C GLY A 275 26.82 -10.13 9.32
N LYS A 276 26.37 -11.30 8.84
CA LYS A 276 25.21 -11.95 9.48
C LYS A 276 25.54 -12.38 10.88
N GLN A 277 26.76 -12.90 11.10
CA GLN A 277 27.14 -13.33 12.46
C GLN A 277 27.12 -12.15 13.43
N ARG A 278 27.52 -10.97 12.96
CA ARG A 278 27.47 -9.80 13.83
C ARG A 278 26.03 -9.48 14.21
N PHE A 279 25.13 -9.49 13.23
CA PHE A 279 23.73 -9.24 13.56
C PHE A 279 23.19 -10.28 14.53
N ILE A 280 23.56 -11.55 14.35
CA ILE A 280 23.05 -12.60 15.23
C ILE A 280 23.58 -12.45 16.65
N LYS A 281 24.84 -12.03 16.81
CA LYS A 281 25.38 -11.78 18.13
C LYS A 281 24.69 -10.57 18.78
N GLU A 282 24.39 -9.54 17.99
CA GLU A 282 23.73 -8.35 18.55
C GLU A 282 22.26 -8.59 18.89
N GLY A 283 21.54 -9.28 18.01
CA GLY A 283 20.09 -9.37 18.10
C GLY A 283 19.40 -8.04 17.82
N GLN A 284 18.06 -8.07 17.90
CA GLN A 284 17.29 -6.83 17.89
C GLN A 284 16.82 -6.51 19.31
N LEU A 285 16.40 -5.25 19.52
CA LEU A 285 16.36 -4.68 20.89
C LEU A 285 15.17 -5.16 21.73
N SER A 286 14.01 -5.38 21.12
CA SER A 286 12.77 -5.31 21.93
C SER A 286 12.64 -6.41 22.97
N LYS A 287 12.21 -6.03 24.16
CA LYS A 287 11.98 -6.92 25.28
C LYS A 287 10.53 -6.88 25.76
N GLY A 288 9.59 -6.74 24.83
CA GLY A 288 8.21 -6.43 25.14
C GLY A 288 7.34 -7.66 25.46
N ALA A 289 6.12 -7.36 25.87
CA ALA A 289 5.09 -8.36 26.18
C ALA A 289 3.74 -7.71 25.97
N LYS A 290 2.66 -8.50 26.08
CA LYS A 290 1.33 -7.93 25.87
C LYS A 290 0.34 -8.63 26.78
N LEU A 291 -0.71 -7.90 27.17
CA LEU A 291 -1.76 -8.51 27.97
C LEU A 291 -3.08 -7.77 27.81
N TYR A 292 -4.17 -8.49 28.03
CA TYR A 292 -5.51 -7.95 28.13
C TYR A 292 -5.98 -8.07 29.57
N VAL A 293 -6.74 -7.09 30.01
CA VAL A 293 -7.31 -7.10 31.37
C VAL A 293 -8.80 -6.86 31.27
N HIS A 294 -9.57 -7.65 31.99
CA HIS A 294 -11.00 -7.47 32.13
C HIS A 294 -11.29 -6.88 33.51
N VAL A 295 -11.88 -5.66 33.51
CA VAL A 295 -12.32 -5.02 34.75
C VAL A 295 -13.84 -4.89 34.73
N LYS A 296 -14.41 -4.85 35.94
CA LYS A 296 -15.87 -4.86 36.11
C LYS A 296 -16.48 -3.53 35.68
N GLN A 297 -15.80 -2.41 35.93
CA GLN A 297 -16.33 -1.10 35.57
C GLN A 297 -16.29 -0.87 34.07
N ASN A 298 -17.23 -0.05 33.58
CA ASN A 298 -17.26 0.43 32.20
C ASN A 298 -16.49 1.75 32.14
N LEU A 299 -15.24 1.67 31.72
CA LEU A 299 -14.40 2.83 31.57
C LEU A 299 -14.62 3.59 30.25
N GLY A 300 -15.42 3.06 29.34
CA GLY A 300 -15.60 3.75 28.05
C GLY A 300 -14.38 3.63 27.17
N ARG A 301 -14.19 4.62 26.31
CA ARG A 301 -13.11 4.57 25.33
C ARG A 301 -11.92 5.30 25.91
N VAL A 302 -10.85 4.55 26.25
CA VAL A 302 -9.71 5.12 26.98
C VAL A 302 -8.43 4.87 26.20
N PHE A 303 -7.47 5.79 26.44
CA PHE A 303 -6.13 5.67 25.89
C PHE A 303 -5.14 6.20 26.93
N ALA A 304 -4.03 5.48 27.14
CA ALA A 304 -3.02 5.95 28.08
C ALA A 304 -1.63 5.64 27.57
N PHE A 305 -0.70 6.58 27.81
CA PHE A 305 0.74 6.37 27.68
C PHE A 305 1.29 6.25 29.10
N ALA A 306 2.31 5.40 29.30
CA ALA A 306 3.12 5.45 30.51
C ALA A 306 4.59 5.47 30.09
N ASP A 307 5.37 6.35 30.70
CA ASP A 307 6.78 6.50 30.33
C ASP A 307 7.60 5.28 30.78
N GLU A 308 8.86 5.26 30.37
CA GLU A 308 9.57 3.99 30.31
C GLU A 308 9.96 3.43 31.66
N GLN A 309 9.88 4.21 32.74
CA GLN A 309 10.20 3.63 34.05
C GLN A 309 8.99 2.93 34.65
N GLN A 310 7.86 2.96 33.97
CA GLN A 310 6.60 2.37 34.40
C GLN A 310 6.18 1.26 33.45
N PRO A 311 5.35 0.34 33.90
CA PRO A 311 5.10 -0.89 33.09
C PRO A 311 4.02 -0.85 32.02
N LEU A 312 2.91 -0.13 32.20
CA LEU A 312 1.76 -0.24 31.29
C LEU A 312 1.85 0.85 30.22
N ASN A 313 2.79 0.66 29.28
CA ASN A 313 3.23 1.80 28.46
C ASN A 313 2.19 2.23 27.44
N TRP A 314 1.39 1.30 26.91
CA TRP A 314 0.40 1.69 25.88
C TRP A 314 -0.90 0.96 26.20
N VAL A 315 -1.93 1.71 26.59
CA VAL A 315 -3.22 1.13 26.98
C VAL A 315 -4.33 1.70 26.09
N GLN A 316 -5.19 0.83 25.57
CA GLN A 316 -6.39 1.32 24.90
C GLN A 316 -7.52 0.32 25.09
N THR A 317 -8.72 0.78 24.75
CA THR A 317 -9.90 -0.07 24.95
C THR A 317 -10.08 -1.07 23.80
N ARG A 318 -10.31 -2.34 24.14
CA ARG A 318 -10.71 -3.37 23.18
C ARG A 318 -12.24 -3.57 23.13
N ASP A 319 -12.92 -3.51 24.27
CA ASP A 319 -14.37 -3.63 24.29
C ASP A 319 -14.88 -2.98 25.59
N TYR A 320 -16.14 -2.52 25.56
CA TYR A 320 -16.72 -1.85 26.73
C TYR A 320 -18.24 -1.86 26.64
N SER A 321 -18.90 -1.99 27.79
CA SER A 321 -20.35 -1.85 27.89
C SER A 321 -20.70 -1.93 29.37
N ASP A 322 -21.93 -1.51 29.71
CA ASP A 322 -22.34 -1.68 31.10
C ASP A 322 -22.47 -3.16 31.47
N GLU A 323 -22.94 -3.99 30.54
CA GLU A 323 -23.16 -5.39 30.91
C GLU A 323 -21.84 -6.14 31.06
N LEU A 324 -20.85 -5.81 30.24
CA LEU A 324 -19.57 -6.53 30.20
C LEU A 324 -18.47 -5.92 31.08
N GLY A 325 -18.49 -4.62 31.33
CA GLY A 325 -17.32 -3.97 31.92
C GLY A 325 -16.39 -3.47 30.82
N THR A 326 -15.08 -3.62 31.00
CA THR A 326 -14.13 -3.16 29.99
C THR A 326 -13.05 -4.21 29.80
N ILE A 327 -12.67 -4.43 28.54
CA ILE A 327 -11.47 -5.18 28.20
C ILE A 327 -10.43 -4.17 27.71
N LEU A 328 -9.30 -4.10 28.40
CA LEU A 328 -8.20 -3.20 27.98
C LEU A 328 -7.09 -4.02 27.32
N SER A 329 -6.57 -3.50 26.20
CA SER A 329 -5.40 -4.03 25.54
C SER A 329 -4.19 -3.22 26.04
N ILE A 330 -3.17 -3.89 26.57
CA ILE A 330 -2.03 -3.25 27.17
C ILE A 330 -0.78 -3.84 26.56
N THR A 331 0.08 -2.98 26.00
CA THR A 331 1.38 -3.43 25.52
C THR A 331 2.48 -2.87 26.42
N ILE A 332 3.44 -3.75 26.73
CA ILE A 332 4.51 -3.48 27.70
C ILE A 332 5.83 -3.40 26.92
N ALA A 333 6.57 -2.29 27.13
CA ALA A 333 7.87 -2.13 26.44
C ALA A 333 8.92 -3.10 26.94
N ARG A 334 9.06 -3.27 28.29
CA ARG A 334 10.15 -4.05 28.85
C ARG A 334 9.61 -5.04 29.87
N LYS A 335 9.77 -6.32 29.58
CA LYS A 335 9.23 -7.36 30.45
C LYS A 335 9.87 -7.31 31.83
N GLU A 336 11.06 -6.69 31.97
CA GLU A 336 11.63 -6.57 33.33
C GLU A 336 10.82 -5.62 34.23
N THR A 337 9.95 -4.78 33.70
CA THR A 337 9.17 -3.87 34.54
C THR A 337 7.95 -4.53 35.17
N ILE A 338 7.50 -5.65 34.63
CA ILE A 338 6.32 -6.33 35.14
C ILE A 338 6.34 -7.76 34.62
N ASP A 339 5.95 -8.68 35.49
CA ASP A 339 5.75 -10.08 35.12
C ASP A 339 4.28 -10.21 34.71
N VAL A 340 4.04 -10.20 33.39
CA VAL A 340 2.66 -10.19 32.87
C VAL A 340 1.92 -11.45 33.26
N ASN A 341 2.62 -12.52 33.65
CA ASN A 341 1.98 -13.77 34.10
C ASN A 341 1.79 -13.81 35.61
N ASP A 342 2.00 -12.69 36.30
CA ASP A 342 1.83 -12.62 37.76
C ASP A 342 0.57 -11.80 37.98
N ARG A 343 -0.54 -12.46 38.29
CA ARG A 343 -1.83 -11.75 38.26
C ARG A 343 -1.91 -10.66 39.33
N ASP A 344 -1.32 -10.93 40.49
CA ASP A 344 -1.34 -9.94 41.57
C ASP A 344 -0.62 -8.66 41.16
N ALA A 345 0.57 -8.80 40.55
CA ALA A 345 1.31 -7.64 40.10
C ALA A 345 0.51 -6.86 39.07
N VAL A 346 -0.06 -7.58 38.08
CA VAL A 346 -0.83 -6.91 37.04
C VAL A 346 -1.97 -6.13 37.68
N THR A 347 -2.65 -6.72 38.67
CA THR A 347 -3.76 -6.02 39.27
C THR A 347 -3.31 -4.75 39.97
N ARG A 348 -2.17 -4.83 40.66
CA ARG A 348 -1.62 -3.64 41.33
C ARG A 348 -1.33 -2.54 40.32
N GLU A 349 -0.69 -2.91 39.19
CA GLU A 349 -0.29 -1.86 38.24
C GLU A 349 -1.51 -1.27 37.52
N VAL A 350 -2.48 -2.10 37.18
CA VAL A 350 -3.71 -1.59 36.57
C VAL A 350 -4.44 -0.65 37.50
N GLN A 351 -4.51 -1.00 38.81
CA GLN A 351 -5.16 -0.11 39.76
C GLN A 351 -4.37 1.19 39.95
N LYS A 352 -3.03 1.10 39.87
CA LYS A 352 -2.23 2.34 39.89
C LYS A 352 -2.66 3.27 38.78
N MET A 353 -2.94 2.73 37.58
CA MET A 353 -3.38 3.60 36.49
CA MET A 353 -3.37 3.60 36.50
C MET A 353 -4.86 3.94 36.56
N PHE A 354 -5.71 3.00 37.01
CA PHE A 354 -7.16 3.20 37.13
C PHE A 354 -7.56 2.90 38.58
N PRO A 355 -7.25 3.80 39.50
CA PRO A 355 -7.59 3.54 40.91
C PRO A 355 -9.07 3.27 41.09
N GLY A 356 -9.38 2.19 41.83
CA GLY A 356 -10.75 1.80 42.16
C GLY A 356 -11.36 0.71 41.29
N VAL A 357 -10.68 0.27 40.22
CA VAL A 357 -11.28 -0.76 39.37
C VAL A 357 -11.10 -2.12 40.00
N GLU A 358 -12.02 -3.03 39.69
CA GLU A 358 -11.96 -4.41 40.11
C GLU A 358 -11.57 -5.26 38.93
N VAL A 359 -10.46 -5.99 39.05
CA VAL A 359 -9.94 -6.81 37.94
C VAL A 359 -10.64 -8.17 37.98
N LEU A 360 -11.30 -8.54 36.88
CA LEU A 360 -12.00 -9.81 36.84
C LEU A 360 -11.20 -10.89 36.15
N GLY A 361 -10.26 -10.54 35.31
CA GLY A 361 -9.45 -11.55 34.66
C GLY A 361 -8.34 -10.92 33.85
N THR A 362 -7.41 -11.76 33.40
CA THR A 362 -6.32 -11.31 32.52
C THR A 362 -5.99 -12.42 31.53
N ALA A 363 -5.39 -12.01 30.41
CA ALA A 363 -4.77 -12.90 29.43
C ALA A 363 -3.46 -12.29 28.97
N ALA A 364 -2.34 -13.01 29.13
CA ALA A 364 -1.05 -12.37 28.87
C ALA A 364 -0.18 -13.24 27.98
N TYR A 365 0.81 -12.63 27.34
CA TYR A 365 1.78 -13.33 26.53
C TYR A 365 3.13 -12.65 26.69
N ASP A 366 4.10 -13.40 27.27
CA ASP A 366 5.47 -12.91 27.45
C ASP A 366 6.31 -13.31 26.24
N TRP A 367 6.31 -12.45 25.22
CA TRP A 367 7.07 -12.74 24.00
C TRP A 367 8.57 -12.80 24.24
N THR A 368 9.04 -12.10 25.25
CA THR A 368 10.48 -12.08 25.47
C THR A 368 10.95 -13.39 26.11
N ALA A 369 10.11 -14.06 26.90
CA ALA A 369 10.49 -15.33 27.51
C ALA A 369 10.30 -16.52 26.57
N ASP A 370 9.49 -16.37 25.52
CA ASP A 370 9.16 -17.48 24.60
C ASP A 370 10.39 -17.89 23.79
N PRO A 371 10.85 -19.15 23.85
CA PRO A 371 12.07 -19.53 23.13
C PRO A 371 12.01 -19.31 21.64
N PHE A 372 10.82 -19.22 21.04
CA PHE A 372 10.78 -19.12 19.59
C PHE A 372 10.46 -17.71 19.13
N SER A 373 10.52 -16.73 20.05
CA SER A 373 10.63 -15.31 19.65
C SER A 373 11.78 -14.58 20.36
N LEU A 374 11.97 -14.82 21.66
CA LEU A 374 13.06 -14.24 22.46
C LEU A 374 13.16 -12.73 22.23
N GLY A 375 11.99 -12.11 22.28
CA GLY A 375 11.83 -10.70 22.05
C GLY A 375 10.48 -10.47 21.40
N ALA A 376 10.21 -9.20 21.10
CA ALA A 376 8.92 -8.85 20.50
C ALA A 376 9.08 -8.37 19.06
N TRP A 377 8.39 -7.29 18.70
CA TRP A 377 8.54 -6.69 17.35
C TRP A 377 9.99 -6.28 17.08
N ALA A 378 10.34 -6.19 15.79
CA ALA A 378 11.70 -5.78 15.43
C ALA A 378 11.98 -4.35 15.87
N ALA A 379 13.13 -4.13 16.53
CA ALA A 379 13.57 -2.77 16.90
C ALA A 379 15.08 -2.67 16.73
N TYR A 380 15.54 -1.73 15.87
CA TYR A 380 16.98 -1.62 15.61
C TYR A 380 17.67 -0.76 16.68
N GLY A 381 18.85 -1.24 17.13
CA GLY A 381 19.71 -0.45 17.95
C GLY A 381 20.49 0.52 17.11
N VAL A 382 21.35 1.29 17.78
CA VAL A 382 22.14 2.30 17.10
C VAL A 382 23.09 1.63 16.12
N GLY A 383 23.13 2.15 14.89
CA GLY A 383 24.06 1.64 13.89
C GLY A 383 23.60 0.42 13.13
N GLN A 384 22.46 -0.19 13.48
CA GLN A 384 22.11 -1.47 12.86
C GLN A 384 21.45 -1.28 11.49
N LEU A 385 20.58 -0.28 11.33
CA LEU A 385 19.90 -0.14 10.03
C LEU A 385 20.89 0.01 8.89
N SER A 386 22.00 0.73 9.13
CA SER A 386 23.05 0.87 8.13
C SER A 386 23.55 -0.45 7.59
N ARG A 387 23.40 -1.52 8.34
CA ARG A 387 23.97 -2.82 7.95
C ARG A 387 22.90 -3.79 7.53
N LEU A 388 21.66 -3.30 7.35
CA LEU A 388 20.53 -4.17 7.03
C LEU A 388 20.83 -5.13 5.85
N LYS A 389 21.54 -4.66 4.81
CA LYS A 389 21.78 -5.52 3.66
C LYS A 389 22.49 -6.81 4.05
N ASP A 390 23.33 -6.75 5.08
CA ASP A 390 23.99 -7.97 5.58
C ASP A 390 22.99 -9.02 5.98
N LEU A 391 21.91 -8.60 6.65
CA LEU A 391 20.91 -9.57 7.09
C LEU A 391 20.09 -10.07 5.91
N GLN A 392 19.81 -9.20 4.94
CA GLN A 392 18.96 -9.59 3.81
C GLN A 392 19.65 -10.52 2.83
N ALA A 393 21.00 -10.50 2.77
CA ALA A 393 21.71 -11.19 1.67
C ALA A 393 21.42 -12.68 1.69
N ALA A 394 21.21 -13.25 0.50
CA ALA A 394 21.19 -14.70 0.39
C ALA A 394 22.60 -15.25 0.64
N GLU A 395 22.64 -16.48 1.12
CA GLU A 395 23.91 -17.16 1.35
C GLU A 395 23.84 -18.50 0.62
N GLY A 396 24.33 -18.54 -0.62
CA GLY A 396 24.22 -19.75 -1.42
C GLY A 396 22.76 -20.08 -1.64
N ARG A 397 22.35 -21.29 -1.25
CA ARG A 397 20.97 -21.72 -1.48
C ARG A 397 20.08 -21.48 -0.27
N ILE A 398 20.48 -20.60 0.65
CA ILE A 398 19.63 -20.20 1.78
C ILE A 398 19.18 -18.76 1.58
N VAL A 399 17.86 -18.56 1.58
CA VAL A 399 17.22 -17.27 1.43
C VAL A 399 16.78 -16.84 2.81
N PHE A 400 16.86 -15.54 3.12
CA PHE A 400 16.53 -15.06 4.47
C PHE A 400 15.37 -14.07 4.39
N ALA A 401 14.40 -14.21 5.31
CA ALA A 401 13.26 -13.33 5.36
C ALA A 401 12.86 -13.18 6.85
N GLY A 402 11.70 -12.59 7.08
CA GLY A 402 11.32 -12.12 8.43
C GLY A 402 11.26 -10.60 8.48
N ALA A 403 10.41 -10.08 9.38
CA ALA A 403 10.15 -8.64 9.44
C ALA A 403 11.42 -7.84 9.67
N GLU A 404 12.34 -8.38 10.51
CA GLU A 404 13.62 -7.71 10.72
C GLU A 404 14.36 -7.43 9.39
N THR A 405 14.19 -8.29 8.41
CA THR A 405 14.89 -8.20 7.13
C THR A 405 14.14 -7.36 6.07
N SER A 406 12.98 -6.78 6.40
CA SER A 406 12.26 -6.01 5.41
C SER A 406 12.82 -4.59 5.28
N ASN A 407 12.47 -3.93 4.18
CA ASN A 407 12.90 -2.56 3.95
C ASN A 407 11.91 -1.54 4.51
N GLY A 408 10.61 -1.83 4.46
CA GLY A 408 9.64 -0.80 4.83
C GLY A 408 9.15 -0.87 6.27
N TRP A 409 7.96 -1.45 6.47
CA TRP A 409 7.29 -1.56 7.77
C TRP A 409 7.91 -2.69 8.61
N HIS A 410 9.14 -2.45 9.10
CA HIS A 410 9.89 -3.55 9.68
C HIS A 410 9.38 -3.97 11.05
N ALA A 411 8.62 -3.12 11.71
CA ALA A 411 8.07 -3.43 13.05
C ALA A 411 6.70 -4.06 12.97
N SER A 412 6.28 -4.53 11.78
CA SER A 412 4.86 -4.78 11.49
C SER A 412 4.62 -6.14 10.82
N ILE A 413 3.36 -6.52 10.78
CA ILE A 413 2.93 -7.63 9.93
C ILE A 413 3.28 -7.37 8.48
N ASP A 414 3.08 -6.14 8.04
CA ASP A 414 3.36 -5.81 6.63
C ASP A 414 4.80 -6.13 6.23
N GLY A 415 5.78 -5.79 7.08
CA GLY A 415 7.17 -6.07 6.72
C GLY A 415 7.43 -7.57 6.61
N ALA A 416 6.82 -8.36 7.50
CA ALA A 416 6.93 -9.80 7.33
C ALA A 416 6.38 -10.25 5.97
N VAL A 417 5.20 -9.77 5.59
CA VAL A 417 4.64 -10.18 4.29
C VAL A 417 5.59 -9.74 3.16
N GLU A 418 6.07 -8.50 3.25
CA GLU A 418 7.03 -8.00 2.25
C GLU A 418 8.21 -8.97 2.05
N SER A 419 8.84 -9.35 3.17
CA SER A 419 10.00 -10.24 3.13
C SER A 419 9.63 -11.57 2.51
N GLY A 420 8.38 -12.05 2.73
CA GLY A 420 7.98 -13.33 2.14
C GLY A 420 7.77 -13.24 0.63
N LEU A 421 7.25 -12.10 0.15
CA LEU A 421 7.15 -11.92 -1.29
C LEU A 421 8.54 -11.86 -1.92
N ARG A 422 9.47 -11.15 -1.27
CA ARG A 422 10.86 -11.13 -1.75
C ARG A 422 11.45 -12.52 -1.74
N ALA A 423 11.23 -13.27 -0.65
CA ALA A 423 11.79 -14.63 -0.63
C ALA A 423 11.24 -15.49 -1.78
N GLY A 424 9.95 -15.42 -2.02
CA GLY A 424 9.39 -16.17 -3.15
C GLY A 424 10.05 -15.83 -4.48
N ARG A 425 10.24 -14.54 -4.74
CA ARG A 425 10.95 -14.14 -5.95
C ARG A 425 12.36 -14.74 -5.99
N GLU A 426 13.07 -14.69 -4.86
CA GLU A 426 14.45 -15.22 -4.82
C GLU A 426 14.49 -16.74 -5.01
N VAL A 427 13.54 -17.47 -4.41
CA VAL A 427 13.44 -18.92 -4.69
C VAL A 427 13.25 -19.17 -6.19
N LYS A 428 12.34 -18.40 -6.84
CA LYS A 428 12.15 -18.54 -8.28
C LYS A 428 13.47 -18.34 -9.01
N GLN A 429 14.23 -17.34 -8.60
CA GLN A 429 15.52 -17.08 -9.27
C GLN A 429 16.47 -18.24 -9.06
N LEU A 430 16.48 -18.83 -7.85
CA LEU A 430 17.45 -19.89 -7.55
C LEU A 430 17.07 -21.20 -8.22
N LEU A 431 15.79 -21.41 -8.52
CA LEU A 431 15.35 -22.65 -9.14
C LEU A 431 15.30 -22.57 -10.65
N SER A 432 15.66 -21.43 -11.24
CA SER A 432 15.72 -21.32 -12.71
C SER A 432 16.90 -22.05 -13.41
N GLY B 1 -19.13 -28.32 -18.53
CA GLY B 1 -18.53 -28.72 -19.80
C GLY B 1 -18.35 -27.55 -20.76
N PHE B 2 -17.85 -26.44 -20.24
CA PHE B 2 -17.63 -25.27 -21.11
C PHE B 2 -16.23 -25.31 -21.70
N ASP B 3 -15.99 -24.43 -22.69
CA ASP B 3 -14.68 -24.35 -23.30
C ASP B 3 -13.62 -23.95 -22.27
N TYR B 4 -13.95 -23.02 -21.37
CA TYR B 4 -13.04 -22.50 -20.36
C TYR B 4 -13.79 -22.39 -19.05
N ASP B 5 -13.03 -22.43 -17.94
CA ASP B 5 -13.61 -22.07 -16.64
C ASP B 5 -13.94 -20.59 -16.62
N VAL B 6 -13.03 -19.75 -17.08
CA VAL B 6 -13.21 -18.31 -16.98
C VAL B 6 -12.65 -17.66 -18.25
N VAL B 7 -13.40 -16.69 -18.78
CA VAL B 7 -12.92 -15.83 -19.88
C VAL B 7 -12.80 -14.41 -19.32
N VAL B 8 -11.61 -13.81 -19.44
CA VAL B 8 -11.35 -12.42 -19.04
C VAL B 8 -11.38 -11.55 -20.30
N VAL B 9 -12.24 -10.51 -20.31
CA VAL B 9 -12.38 -9.63 -21.48
C VAL B 9 -11.56 -8.36 -21.17
N GLY B 10 -10.46 -8.18 -21.88
CA GLY B 10 -9.64 -7.00 -21.73
C GLY B 10 -8.28 -7.31 -21.13
N GLY B 11 -7.24 -6.75 -21.75
CA GLY B 11 -5.87 -7.04 -21.39
C GLY B 11 -5.10 -5.83 -20.87
N GLY B 12 -5.77 -4.94 -20.13
CA GLY B 12 -5.10 -3.92 -19.31
C GLY B 12 -4.74 -4.51 -17.96
N PHE B 13 -4.43 -3.60 -17.00
CA PHE B 13 -3.99 -4.11 -15.69
C PHE B 13 -5.10 -4.88 -14.97
N ALA B 14 -6.37 -4.45 -15.09
CA ALA B 14 -7.40 -5.19 -14.38
C ALA B 14 -7.52 -6.60 -14.92
N GLY B 15 -7.54 -6.75 -16.24
CA GLY B 15 -7.66 -8.09 -16.86
C GLY B 15 -6.41 -8.94 -16.64
N ALA B 16 -5.21 -8.34 -16.75
CA ALA B 16 -4.00 -9.14 -16.54
C ALA B 16 -3.97 -9.64 -15.10
N THR B 17 -4.35 -8.77 -14.16
CA THR B 17 -4.36 -9.18 -12.75
C THR B 17 -5.36 -10.34 -12.53
N ALA B 18 -6.59 -10.15 -13.03
CA ALA B 18 -7.62 -11.19 -12.85
C ALA B 18 -7.20 -12.52 -13.46
N ALA B 19 -6.63 -12.49 -14.68
CA ALA B 19 -6.18 -13.71 -15.33
C ALA B 19 -5.07 -14.38 -14.53
N ARG B 20 -4.13 -13.60 -13.98
CA ARG B 20 -3.11 -14.18 -13.11
C ARG B 20 -3.74 -14.85 -11.88
N GLU B 21 -4.68 -14.15 -11.22
CA GLU B 21 -5.32 -14.76 -10.03
C GLU B 21 -6.01 -16.07 -10.41
N CYS B 22 -6.70 -16.09 -11.55
CA CYS B 22 -7.46 -17.29 -11.91
C CYS B 22 -6.53 -18.41 -12.34
N GLY B 23 -5.50 -18.08 -13.12
CA GLY B 23 -4.61 -19.12 -13.62
C GLY B 23 -3.83 -19.79 -12.52
N LEU B 24 -3.42 -19.02 -11.50
CA LEU B 24 -2.69 -19.64 -10.39
C LEU B 24 -3.55 -20.61 -9.57
N GLN B 25 -4.87 -20.48 -9.60
CA GLN B 25 -5.75 -21.47 -8.97
C GLN B 25 -5.94 -22.71 -9.84
N GLY B 26 -5.43 -22.70 -11.07
CA GLY B 26 -5.59 -23.85 -11.94
C GLY B 26 -6.81 -23.80 -12.83
N TYR B 27 -7.55 -22.70 -12.82
CA TYR B 27 -8.72 -22.60 -13.68
C TYR B 27 -8.26 -22.46 -15.13
N ARG B 28 -8.97 -23.14 -16.03
CA ARG B 28 -8.68 -22.99 -17.47
C ARG B 28 -9.14 -21.60 -17.89
N THR B 29 -8.20 -20.74 -18.24
CA THR B 29 -8.42 -19.31 -18.37
C THR B 29 -8.08 -18.81 -19.77
N LEU B 30 -8.96 -17.99 -20.33
CA LEU B 30 -8.72 -17.36 -21.64
C LEU B 30 -8.89 -15.85 -21.46
N LEU B 31 -7.97 -15.06 -21.99
CA LEU B 31 -8.08 -13.60 -22.01
C LEU B 31 -8.25 -13.15 -23.47
N LEU B 32 -9.28 -12.36 -23.73
CA LEU B 32 -9.61 -11.83 -25.04
C LEU B 32 -9.37 -10.33 -25.02
N GLU B 33 -8.54 -9.83 -25.94
CA GLU B 33 -8.19 -8.41 -25.97
C GLU B 33 -8.52 -7.83 -27.36
N ALA B 34 -9.16 -6.66 -27.38
CA ALA B 34 -9.66 -6.11 -28.65
C ALA B 34 -8.54 -5.52 -29.53
N ARG B 35 -7.63 -4.76 -28.93
CA ARG B 35 -6.55 -4.14 -29.68
C ARG B 35 -5.54 -5.20 -30.10
N SER B 36 -4.64 -4.84 -31.01
CA SER B 36 -3.58 -5.76 -31.39
C SER B 36 -2.37 -5.66 -30.45
N ARG B 37 -2.56 -5.12 -29.25
CA ARG B 37 -1.50 -5.04 -28.24
C ARG B 37 -2.16 -5.21 -26.88
N LEU B 38 -1.32 -5.46 -25.87
CA LEU B 38 -1.78 -5.47 -24.49
C LEU B 38 -1.50 -4.12 -23.84
N GLY B 39 -2.03 -3.92 -22.60
CA GLY B 39 -1.72 -2.78 -21.79
C GLY B 39 -2.90 -1.82 -21.61
N GLY B 40 -3.83 -1.80 -22.55
CA GLY B 40 -5.02 -0.98 -22.42
C GLY B 40 -4.71 0.52 -22.35
N ARG B 41 -5.14 1.15 -21.24
CA ARG B 41 -4.86 2.59 -21.06
C ARG B 41 -3.44 2.84 -20.54
N THR B 42 -2.58 1.80 -20.55
CA THR B 42 -1.14 2.01 -20.50
C THR B 42 -0.56 1.52 -21.82
N PHE B 43 0.51 2.18 -22.27
CA PHE B 43 1.12 1.85 -23.56
C PHE B 43 2.59 2.26 -23.52
N THR B 44 3.50 1.28 -23.47
CA THR B 44 4.94 1.51 -23.49
C THR B 44 5.37 1.58 -24.95
N SER B 45 6.11 2.63 -25.29
CA SER B 45 6.59 2.83 -26.67
C SER B 45 8.01 3.42 -26.59
N ARG B 46 8.52 3.91 -27.74
CA ARG B 46 9.86 4.49 -27.80
C ARG B 46 9.78 5.80 -28.57
N PHE B 47 10.60 6.77 -28.17
CA PHE B 47 10.60 8.09 -28.80
C PHE B 47 11.90 8.79 -28.50
N ALA B 48 12.54 9.34 -29.54
CA ALA B 48 13.78 10.10 -29.37
C ALA B 48 14.83 9.31 -28.58
N GLY B 49 14.87 8.00 -28.80
CA GLY B 49 15.86 7.16 -28.14
C GLY B 49 15.53 6.74 -26.71
N GLN B 50 14.37 7.10 -26.19
CA GLN B 50 13.97 6.75 -24.84
C GLN B 50 12.71 5.89 -24.84
N GLU B 51 12.54 5.12 -23.79
CA GLU B 51 11.28 4.42 -23.59
C GLU B 51 10.27 5.37 -22.96
N ILE B 52 9.04 5.43 -23.49
CA ILE B 52 8.05 6.39 -23.02
C ILE B 52 6.76 5.68 -22.69
N GLU B 53 5.91 6.34 -21.89
CA GLU B 53 4.64 5.79 -21.43
C GLU B 53 3.52 6.73 -21.90
N LEU B 54 2.76 6.32 -22.92
CA LEU B 54 1.79 7.21 -23.54
C LEU B 54 0.44 7.19 -22.86
N GLY B 55 0.23 6.29 -21.88
CA GLY B 55 -0.95 6.32 -21.02
C GLY B 55 -0.53 6.39 -19.56
N GLY B 56 -1.09 5.52 -18.74
CA GLY B 56 -0.70 5.51 -17.34
C GLY B 56 0.78 5.26 -17.18
N THR B 57 1.41 6.01 -16.25
CA THR B 57 2.86 6.10 -16.18
C THR B 57 3.44 5.96 -14.76
N TRP B 58 2.93 6.74 -13.81
CA TRP B 58 3.61 6.89 -12.50
C TRP B 58 2.86 6.15 -11.40
N VAL B 59 3.61 5.65 -10.40
CA VAL B 59 3.10 4.81 -9.32
C VAL B 59 3.83 5.22 -8.03
N HIS B 60 3.48 4.55 -6.94
CA HIS B 60 4.06 4.93 -5.64
C HIS B 60 3.86 3.79 -4.63
N TRP B 61 4.72 3.75 -3.61
CA TRP B 61 4.63 2.69 -2.63
C TRP B 61 3.46 2.90 -1.66
N LEU B 62 2.88 4.11 -1.60
CA LEU B 62 1.61 4.26 -0.86
C LEU B 62 0.43 3.64 -1.60
N GLN B 63 0.61 3.18 -2.84
CA GLN B 63 -0.47 2.53 -3.58
C GLN B 63 -0.37 1.02 -3.39
N PRO B 64 -1.23 0.42 -2.56
CA PRO B 64 -0.90 -0.92 -2.02
C PRO B 64 -0.92 -2.03 -3.07
N HIS B 65 -1.85 -2.02 -4.02
CA HIS B 65 -1.97 -3.19 -4.89
C HIS B 65 -0.84 -3.23 -5.91
N VAL B 66 -0.56 -2.08 -6.56
CA VAL B 66 0.52 -2.12 -7.56
C VAL B 66 1.88 -2.26 -6.87
N TRP B 67 2.06 -1.67 -5.69
CA TRP B 67 3.35 -1.83 -5.03
C TRP B 67 3.57 -3.29 -4.66
N ALA B 68 2.55 -3.95 -4.12
CA ALA B 68 2.75 -5.38 -3.84
C ALA B 68 3.16 -6.17 -5.09
N GLU B 69 2.56 -5.85 -6.26
CA GLU B 69 2.99 -6.54 -7.49
C GLU B 69 4.46 -6.23 -7.82
N MET B 70 4.86 -5.00 -7.64
CA MET B 70 6.26 -4.63 -7.92
C MET B 70 7.19 -5.39 -6.96
N GLN B 71 6.74 -5.57 -5.71
CA GLN B 71 7.52 -6.38 -4.75
C GLN B 71 7.64 -7.84 -5.22
N ARG B 72 6.49 -8.44 -5.61
CA ARG B 72 6.49 -9.82 -6.09
C ARG B 72 7.40 -10.01 -7.30
N TYR B 73 7.35 -9.10 -8.27
CA TYR B 73 8.12 -9.32 -9.50
C TYR B 73 9.48 -8.64 -9.48
N GLY B 74 9.84 -8.01 -8.37
CA GLY B 74 11.18 -7.40 -8.26
C GLY B 74 11.39 -6.19 -9.15
N LEU B 75 10.38 -5.31 -9.28
CA LEU B 75 10.49 -4.10 -10.09
C LEU B 75 10.80 -2.89 -9.20
N GLY B 76 11.93 -2.23 -9.46
CA GLY B 76 12.24 -1.01 -8.74
C GLY B 76 11.46 0.20 -9.30
N VAL B 77 11.75 1.37 -8.72
CA VAL B 77 11.20 2.63 -9.23
C VAL B 77 12.25 3.33 -10.08
N VAL B 78 11.79 4.14 -11.03
CA VAL B 78 12.67 4.97 -11.85
C VAL B 78 12.21 6.41 -11.66
N GLU B 79 13.09 7.26 -11.16
CA GLU B 79 12.68 8.60 -10.74
C GLU B 79 12.74 9.61 -11.88
N ASP B 80 11.62 10.30 -12.14
CA ASP B 80 11.63 11.41 -13.09
C ASP B 80 12.04 12.70 -12.36
N PRO B 81 12.54 13.70 -13.08
CA PRO B 81 13.18 14.88 -12.42
C PRO B 81 12.20 15.93 -11.92
N LEU B 82 11.55 15.64 -10.78
CA LEU B 82 10.56 16.54 -10.19
C LEU B 82 11.09 17.37 -9.04
N THR B 83 12.24 17.01 -8.46
CA THR B 83 12.83 17.76 -7.37
C THR B 83 13.85 18.73 -7.93
N ASN B 84 14.18 19.75 -7.14
CA ASN B 84 15.18 20.74 -7.53
C ASN B 84 14.89 21.31 -8.92
N LEU B 85 13.65 21.76 -9.10
CA LEU B 85 13.24 22.23 -10.42
C LEU B 85 13.98 23.51 -10.83
N ASP B 86 14.26 23.64 -12.14
CA ASP B 86 14.84 24.86 -12.70
C ASP B 86 13.79 25.92 -13.04
N LYS B 87 12.60 25.50 -13.48
CA LYS B 87 11.52 26.40 -13.91
C LYS B 87 10.18 25.84 -13.47
N THR B 88 9.31 26.71 -12.92
CA THR B 88 7.92 26.32 -12.65
C THR B 88 7.05 27.44 -13.24
N LEU B 89 6.17 27.07 -14.14
CA LEU B 89 5.34 28.03 -14.89
C LEU B 89 3.86 27.80 -14.61
N ILE B 90 3.10 28.92 -14.65
CA ILE B 90 1.64 28.84 -14.72
C ILE B 90 1.22 29.54 -16.01
N MET B 91 0.35 28.90 -16.79
CA MET B 91 -0.25 29.58 -17.94
C MET B 91 -1.72 29.78 -17.61
N TYR B 92 -2.13 31.03 -17.52
CA TYR B 92 -3.50 31.33 -17.12
C TYR B 92 -4.48 31.10 -18.26
N ASN B 93 -5.79 31.15 -17.93
CA ASN B 93 -6.80 31.02 -19.00
C ASN B 93 -6.61 32.09 -20.06
N ASP B 94 -6.15 33.29 -19.69
CA ASP B 94 -6.02 34.37 -20.69
C ASP B 94 -4.74 34.24 -21.55
N GLY B 95 -3.97 33.15 -21.39
CA GLY B 95 -2.81 32.91 -22.25
C GLY B 95 -1.51 33.43 -21.72
N ILE B 96 -1.50 34.18 -20.61
CA ILE B 96 -0.23 34.66 -20.06
C ILE B 96 0.52 33.50 -19.43
N VAL B 97 1.82 33.38 -19.73
CA VAL B 97 2.69 32.41 -19.07
C VAL B 97 3.57 33.17 -18.08
N GLU B 98 3.53 32.78 -16.81
CA GLU B 98 4.29 33.46 -15.77
C GLU B 98 5.21 32.45 -15.09
N SER B 99 6.48 32.83 -15.00
CA SER B 99 7.49 32.03 -14.30
C SER B 99 7.45 32.42 -12.83
N ILE B 100 7.34 31.41 -11.96
CA ILE B 100 7.19 31.61 -10.52
C ILE B 100 8.42 30.99 -9.85
N SER B 101 8.92 31.59 -8.77
CA SER B 101 9.97 30.91 -8.02
C SER B 101 9.53 29.50 -7.64
N PRO B 102 10.34 28.45 -7.89
CA PRO B 102 9.82 27.10 -7.62
C PRO B 102 9.35 26.89 -6.18
N ASP B 103 10.06 27.47 -5.21
CA ASP B 103 9.64 27.32 -3.81
C ASP B 103 8.25 27.94 -3.58
N GLU B 104 8.05 29.16 -4.08
CA GLU B 104 6.75 29.81 -3.96
C GLU B 104 5.68 29.04 -4.72
N PHE B 105 6.04 28.53 -5.92
CA PHE B 105 5.07 27.77 -6.70
C PHE B 105 4.55 26.58 -5.89
N GLY B 106 5.46 25.83 -5.27
CA GLY B 106 5.04 24.64 -4.53
C GLY B 106 4.22 25.02 -3.29
N LYS B 107 4.63 26.11 -2.60
CA LYS B 107 3.88 26.54 -1.41
C LYS B 107 2.43 26.86 -1.77
N ASN B 108 2.24 27.53 -2.91
CA ASN B 108 0.90 27.96 -3.27
C ASN B 108 0.00 26.81 -3.74
N ILE B 109 0.53 25.84 -4.52
CA ILE B 109 -0.37 24.71 -4.82
C ILE B 109 -0.65 23.89 -3.56
N ARG B 110 0.31 23.80 -2.65
CA ARG B 110 0.03 23.07 -1.40
C ARG B 110 -1.10 23.76 -0.63
N ILE B 111 -1.03 25.08 -0.49
CA ILE B 111 -2.10 25.81 0.23
C ILE B 111 -3.45 25.59 -0.44
N ALA B 112 -3.50 25.70 -1.77
CA ALA B 112 -4.76 25.54 -2.47
C ALA B 112 -5.34 24.14 -2.27
N PHE B 113 -4.48 23.12 -2.35
CA PHE B 113 -4.96 21.75 -2.28
C PHE B 113 -5.42 21.40 -0.89
N GLU B 114 -4.64 21.79 0.12
CA GLU B 114 -5.06 21.53 1.49
C GLU B 114 -6.35 22.26 1.83
N LYS B 115 -6.55 23.47 1.31
CA LYS B 115 -7.84 24.13 1.51
C LYS B 115 -8.97 23.37 0.79
N LEU B 116 -8.75 22.95 -0.45
CA LEU B 116 -9.77 22.19 -1.19
C LEU B 116 -10.15 20.91 -0.43
N CYS B 117 -9.17 20.25 0.20
CA CYS B 117 -9.39 18.96 0.85
C CYS B 117 -9.41 19.07 2.37
N HIS B 118 -9.83 20.23 2.89
CA HIS B 118 -9.68 20.50 4.32
C HIS B 118 -10.43 19.48 5.17
N ASP B 119 -11.52 18.92 4.66
CA ASP B 119 -12.34 18.02 5.46
C ASP B 119 -12.12 16.54 5.07
N ALA B 120 -10.98 16.22 4.42
CA ALA B 120 -10.82 14.86 3.91
C ALA B 120 -10.82 13.85 5.04
N TRP B 121 -10.24 14.21 6.20
CA TRP B 121 -10.19 13.27 7.34
C TRP B 121 -11.58 12.93 7.85
N GLU B 122 -12.47 13.93 7.89
CA GLU B 122 -13.81 13.71 8.42
C GLU B 122 -14.70 13.02 7.39
N VAL B 123 -14.54 13.35 6.11
CA VAL B 123 -15.41 12.78 5.07
C VAL B 123 -14.97 11.37 4.68
N PHE B 124 -13.65 11.13 4.60
CA PHE B 124 -13.09 9.84 4.16
C PHE B 124 -12.08 9.32 5.18
N PRO B 125 -12.54 8.96 6.35
CA PRO B 125 -11.66 8.23 7.29
C PRO B 125 -11.30 6.85 6.76
N ARG B 126 -12.09 6.29 5.84
CA ARG B 126 -11.86 4.96 5.30
C ARG B 126 -11.98 5.06 3.79
N PRO B 127 -10.94 5.57 3.12
CA PRO B 127 -11.04 5.82 1.65
C PRO B 127 -11.41 4.60 0.82
N HIS B 128 -11.16 3.36 1.31
CA HIS B 128 -11.60 2.19 0.56
C HIS B 128 -13.06 1.82 0.82
N GLU B 129 -13.79 2.59 1.61
CA GLU B 129 -15.24 2.45 1.77
C GLU B 129 -15.84 3.83 1.47
N PRO B 130 -15.97 4.17 0.19
CA PRO B 130 -16.22 5.58 -0.19
C PRO B 130 -17.48 6.17 0.39
N MET B 131 -18.53 5.38 0.62
CA MET B 131 -19.77 5.92 1.17
C MET B 131 -19.92 5.60 2.67
N PHE B 132 -18.79 5.42 3.37
CA PHE B 132 -18.82 5.11 4.80
C PHE B 132 -19.52 6.21 5.60
N THR B 133 -19.25 7.49 5.27
CA THR B 133 -19.84 8.60 6.02
C THR B 133 -21.04 9.24 5.31
N GLU B 134 -21.97 9.76 6.12
CA GLU B 134 -23.08 10.50 5.53
C GLU B 134 -22.59 11.74 4.81
N ARG B 135 -21.53 12.37 5.33
CA ARG B 135 -21.03 13.58 4.70
C ARG B 135 -20.56 13.33 3.27
N ALA B 136 -19.99 12.16 2.98
CA ALA B 136 -19.53 11.92 1.61
C ALA B 136 -20.71 11.83 0.66
N ARG B 137 -21.82 11.22 1.13
CA ARG B 137 -23.00 11.20 0.29
C ARG B 137 -23.56 12.61 0.09
N GLU B 138 -23.59 13.42 1.16
CA GLU B 138 -24.09 14.81 1.00
C GLU B 138 -23.22 15.60 0.05
N LEU B 139 -21.89 15.43 0.13
CA LEU B 139 -20.99 16.18 -0.73
C LEU B 139 -21.08 15.72 -2.19
N ASP B 140 -21.62 14.57 -2.42
CA ASP B 140 -21.75 14.14 -3.83
C ASP B 140 -22.83 14.92 -4.57
N LYS B 141 -23.47 15.94 -3.97
CA LYS B 141 -24.29 16.85 -4.73
C LYS B 141 -23.52 18.03 -5.28
N SER B 142 -22.24 18.16 -4.95
CA SER B 142 -21.45 19.32 -5.32
C SER B 142 -20.32 18.95 -6.29
N SER B 143 -19.91 19.93 -7.08
CA SER B 143 -18.77 19.78 -7.98
C SER B 143 -17.53 20.38 -7.34
N VAL B 144 -16.37 20.11 -7.96
CA VAL B 144 -15.13 20.70 -7.46
C VAL B 144 -15.16 22.22 -7.60
N LEU B 145 -15.70 22.74 -8.69
CA LEU B 145 -15.76 24.22 -8.81
C LEU B 145 -16.62 24.83 -7.69
N ASP B 146 -17.74 24.16 -7.35
CA ASP B 146 -18.55 24.65 -6.25
C ASP B 146 -17.70 24.90 -5.00
N ARG B 147 -16.81 23.96 -4.67
CA ARG B 147 -15.98 24.17 -3.49
C ARG B 147 -14.91 25.24 -3.74
N ILE B 148 -14.26 25.22 -4.91
CA ILE B 148 -13.23 26.21 -5.20
C ILE B 148 -13.75 27.61 -4.99
N LYS B 149 -15.00 27.85 -5.37
CA LYS B 149 -15.56 29.20 -5.26
C LYS B 149 -15.63 29.70 -3.81
N THR B 150 -15.52 28.83 -2.82
CA THR B 150 -15.65 29.21 -1.41
C THR B 150 -14.30 29.35 -0.71
N LEU B 151 -13.16 29.11 -1.40
CA LEU B 151 -11.90 28.98 -0.72
C LEU B 151 -11.16 30.31 -0.54
N GLY B 152 -11.54 31.35 -1.25
CA GLY B 152 -10.79 32.61 -1.18
C GLY B 152 -9.35 32.48 -1.61
N LEU B 153 -9.11 31.70 -2.66
CA LEU B 153 -7.74 31.54 -3.19
C LEU B 153 -7.26 32.81 -3.90
N SER B 154 -5.93 32.97 -3.98
CA SER B 154 -5.31 34.02 -4.80
C SER B 154 -5.40 33.68 -6.28
N ARG B 155 -5.04 34.65 -7.16
CA ARG B 155 -5.15 34.34 -8.59
C ARG B 155 -4.19 33.18 -8.97
N LEU B 156 -2.97 33.21 -8.42
CA LEU B 156 -2.04 32.10 -8.68
C LEU B 156 -2.63 30.78 -8.19
N GLN B 157 -3.08 30.75 -6.93
CA GLN B 157 -3.57 29.51 -6.33
C GLN B 157 -4.79 28.98 -7.07
N GLN B 158 -5.71 29.88 -7.45
CA GLN B 158 -6.90 29.42 -8.17
C GLN B 158 -6.54 28.83 -9.53
N ALA B 159 -5.63 29.49 -10.26
CA ALA B 159 -5.21 28.93 -11.55
C ALA B 159 -4.52 27.58 -11.35
N GLN B 160 -3.67 27.44 -10.34
CA GLN B 160 -2.97 26.17 -10.14
C GLN B 160 -3.96 25.06 -9.80
N ILE B 161 -4.84 25.33 -8.86
CA ILE B 161 -5.71 24.21 -8.43
C ILE B 161 -6.74 23.91 -9.51
N ASN B 162 -7.21 24.92 -10.25
CA ASN B 162 -8.15 24.59 -11.31
C ASN B 162 -7.46 23.84 -12.44
N SER B 163 -6.21 24.16 -12.75
CA SER B 163 -5.49 23.34 -13.74
CA SER B 163 -5.48 23.35 -13.74
C SER B 163 -5.40 21.91 -13.29
N TYR B 164 -4.95 21.69 -12.04
CA TYR B 164 -4.81 20.34 -11.49
C TYR B 164 -6.14 19.57 -11.58
N MET B 165 -7.22 20.23 -11.18
CA MET B 165 -8.54 19.59 -11.14
C MET B 165 -9.12 19.36 -12.53
N ALA B 166 -8.87 20.28 -13.49
CA ALA B 166 -9.34 20.01 -14.84
C ALA B 166 -8.63 18.80 -15.42
N LEU B 167 -7.35 18.69 -15.17
CA LEU B 167 -6.62 17.48 -15.59
C LEU B 167 -7.25 16.22 -14.98
N TYR B 168 -7.47 16.20 -13.65
CA TYR B 168 -8.06 14.97 -13.09
C TYR B 168 -9.49 14.73 -13.58
N ALA B 169 -10.21 15.79 -13.94
CA ALA B 169 -11.54 15.60 -14.53
C ALA B 169 -11.48 15.13 -15.98
N GLY B 170 -10.39 15.43 -16.68
CA GLY B 170 -10.42 15.41 -18.13
C GLY B 170 -11.58 16.21 -18.69
N GLU B 171 -11.86 17.38 -18.12
CA GLU B 171 -13.08 18.15 -18.40
C GLU B 171 -13.00 19.46 -17.62
N THR B 172 -13.95 20.38 -17.89
CA THR B 172 -14.00 21.58 -17.06
C THR B 172 -14.48 21.25 -15.63
N THR B 173 -14.03 22.05 -14.66
CA THR B 173 -14.18 21.63 -13.26
C THR B 173 -15.59 21.83 -12.73
N ASP B 174 -16.44 22.56 -13.47
CA ASP B 174 -17.87 22.63 -13.11
C ASP B 174 -18.60 21.30 -13.27
N LYS B 175 -18.03 20.35 -14.03
CA LYS B 175 -18.63 19.02 -14.19
C LYS B 175 -18.04 17.96 -13.27
N PHE B 176 -17.00 18.29 -12.53
CA PHE B 176 -16.20 17.28 -11.81
C PHE B 176 -16.75 17.03 -10.43
N GLY B 177 -16.97 15.76 -10.08
CA GLY B 177 -17.46 15.42 -8.73
C GLY B 177 -16.40 15.72 -7.65
N LEU B 178 -16.84 16.32 -6.55
CA LEU B 178 -15.94 16.67 -5.44
C LEU B 178 -15.50 15.49 -4.56
N PRO B 179 -16.42 14.59 -4.15
CA PRO B 179 -15.98 13.54 -3.20
C PRO B 179 -14.86 12.68 -3.75
N GLY B 180 -14.87 12.37 -5.08
CA GLY B 180 -13.82 11.51 -5.62
C GLY B 180 -12.42 12.08 -5.43
N VAL B 181 -12.30 13.40 -5.47
CA VAL B 181 -11.00 14.07 -5.25
C VAL B 181 -10.63 13.97 -3.79
N LEU B 182 -11.58 14.33 -2.91
CA LEU B 182 -11.26 14.18 -1.49
C LEU B 182 -10.82 12.75 -1.18
N LYS B 183 -11.40 11.77 -1.87
CA LYS B 183 -11.08 10.38 -1.55
C LYS B 183 -9.68 10.02 -1.98
N LEU B 184 -9.27 10.48 -3.18
CA LEU B 184 -7.89 10.24 -3.63
C LEU B 184 -6.90 10.88 -2.67
N PHE B 185 -7.19 12.13 -2.25
CA PHE B 185 -6.32 12.82 -1.29
C PHE B 185 -6.19 12.01 0.01
N ALA B 186 -7.31 11.48 0.50
CA ALA B 186 -7.26 10.58 1.67
C ALA B 186 -6.41 9.34 1.39
N CYS B 187 -6.54 8.74 0.19
CA CYS B 187 -5.70 7.59 -0.15
C CYS B 187 -4.21 7.92 -0.05
N GLY B 188 -3.83 9.14 -0.42
CA GLY B 188 -2.45 9.58 -0.37
C GLY B 188 -2.06 10.11 1.01
N GLY B 189 -2.61 9.52 2.07
CA GLY B 189 -2.23 9.87 3.45
C GLY B 189 -2.80 11.19 3.96
N TRP B 190 -3.90 11.67 3.38
CA TRP B 190 -4.56 12.91 3.82
C TRP B 190 -3.59 14.10 3.92
N ASN B 191 -2.64 14.19 3.00
CA ASN B 191 -1.61 15.22 3.09
CA ASN B 191 -1.76 15.34 3.05
C ASN B 191 -1.18 15.57 1.66
N TYR B 192 -1.01 16.85 1.34
CA TYR B 192 -0.69 17.24 -0.02
C TYR B 192 0.70 16.74 -0.45
N ASP B 193 1.73 16.93 0.40
CA ASP B 193 3.08 16.52 -0.01
C ASP B 193 3.14 15.02 -0.39
N ALA B 194 2.56 14.16 0.46
CA ALA B 194 2.50 12.72 0.14
C ALA B 194 1.68 12.46 -1.13
N PHE B 195 0.47 13.05 -1.21
CA PHE B 195 -0.38 12.81 -2.36
C PHE B 195 0.29 13.22 -3.66
N MET B 196 0.84 14.44 -3.71
CA MET B 196 1.58 14.86 -4.92
C MET B 196 2.71 13.89 -5.27
N ASP B 197 3.46 13.43 -4.26
CA ASP B 197 4.54 12.49 -4.58
C ASP B 197 4.01 11.21 -5.27
N THR B 198 2.76 10.81 -4.96
CA THR B 198 2.27 9.56 -5.56
C THR B 198 1.90 9.72 -7.04
N GLU B 199 1.82 10.93 -7.55
CA GLU B 199 1.10 11.11 -8.83
C GLU B 199 2.00 11.16 -10.05
N THR B 200 3.17 11.84 -10.01
CA THR B 200 3.93 11.96 -11.26
C THR B 200 5.43 11.85 -11.03
N HIS B 201 5.86 11.14 -9.96
CA HIS B 201 7.29 11.18 -9.64
C HIS B 201 8.05 9.93 -10.05
N TYR B 202 7.48 8.71 -9.84
CA TYR B 202 8.23 7.45 -10.02
C TYR B 202 7.55 6.58 -11.07
N ARG B 203 8.35 6.05 -12.04
CA ARG B 203 7.87 5.12 -13.06
C ARG B 203 8.26 3.69 -12.62
N ILE B 204 7.66 2.68 -13.29
CA ILE B 204 7.96 1.26 -13.02
C ILE B 204 9.22 0.86 -13.79
N GLN B 205 10.22 0.27 -13.09
CA GLN B 205 11.38 -0.29 -13.77
C GLN B 205 10.94 -1.38 -14.76
N GLY B 206 11.32 -1.22 -16.02
CA GLY B 206 10.85 -2.15 -17.05
C GLY B 206 9.51 -1.80 -17.70
N GLY B 207 8.83 -0.77 -17.24
CA GLY B 207 7.65 -0.27 -17.91
C GLY B 207 6.36 -0.97 -17.49
N THR B 208 5.25 -0.28 -17.80
CA THR B 208 3.93 -0.88 -17.58
C THR B 208 3.82 -2.22 -18.30
N ILE B 209 4.28 -2.28 -19.57
CA ILE B 209 4.14 -3.52 -20.33
C ILE B 209 4.96 -4.62 -19.68
N GLY B 210 6.08 -4.27 -19.07
CA GLY B 210 6.86 -5.32 -18.40
C GLY B 210 6.08 -5.97 -17.26
N LEU B 211 5.35 -5.16 -16.50
CA LEU B 211 4.54 -5.77 -15.41
C LEU B 211 3.34 -6.55 -15.98
N ILE B 212 2.67 -6.00 -17.01
CA ILE B 212 1.61 -6.77 -17.69
C ILE B 212 2.11 -8.14 -18.13
N ASN B 213 3.23 -8.16 -18.83
CA ASN B 213 3.76 -9.42 -19.35
C ASN B 213 4.13 -10.36 -18.22
N ALA B 214 4.71 -9.82 -17.13
CA ALA B 214 5.05 -10.73 -16.02
C ALA B 214 3.79 -11.42 -15.48
N MET B 215 2.73 -10.65 -15.24
CA MET B 215 1.48 -11.22 -14.74
C MET B 215 0.93 -12.26 -15.69
N LEU B 216 0.90 -11.96 -17.01
CA LEU B 216 0.26 -12.91 -17.92
C LEU B 216 1.14 -14.14 -18.10
N THR B 217 2.47 -13.97 -18.09
CA THR B 217 3.33 -15.16 -18.17
C THR B 217 3.08 -16.05 -16.96
N ASP B 218 3.08 -15.44 -15.78
CA ASP B 218 2.72 -16.15 -14.54
C ASP B 218 1.38 -16.90 -14.65
N SER B 219 0.39 -16.29 -15.28
CA SER B 219 -0.97 -16.81 -15.27
C SER B 219 -1.09 -18.13 -15.98
N GLY B 220 -0.28 -18.35 -17.02
CA GLY B 220 -0.47 -19.53 -17.83
C GLY B 220 -1.70 -19.49 -18.73
N ALA B 221 -2.44 -18.38 -18.73
CA ALA B 221 -3.68 -18.27 -19.48
C ALA B 221 -3.39 -18.23 -20.98
N GLU B 222 -4.34 -18.68 -21.75
CA GLU B 222 -4.30 -18.48 -23.18
C GLU B 222 -4.69 -17.02 -23.47
N VAL B 223 -3.93 -16.35 -24.33
CA VAL B 223 -4.14 -14.92 -24.58
C VAL B 223 -4.32 -14.71 -26.08
N ARG B 224 -5.39 -14.01 -26.46
CA ARG B 224 -5.69 -13.75 -27.87
C ARG B 224 -5.90 -12.24 -28.06
N MET B 225 -5.23 -11.67 -29.04
CA MET B 225 -5.35 -10.24 -29.33
C MET B 225 -6.13 -10.02 -30.62
N SER B 226 -6.55 -8.77 -30.84
CA SER B 226 -7.35 -8.39 -32.03
C SER B 226 -8.66 -9.16 -32.10
N VAL B 227 -9.29 -9.39 -30.94
CA VAL B 227 -10.52 -10.15 -30.86
C VAL B 227 -11.50 -9.41 -29.96
N PRO B 228 -12.24 -8.46 -30.49
CA PRO B 228 -13.21 -7.73 -29.65
C PRO B 228 -14.40 -8.60 -29.34
N VAL B 229 -14.83 -8.57 -28.09
CA VAL B 229 -16.09 -9.21 -27.71
C VAL B 229 -17.24 -8.26 -28.05
N THR B 230 -18.29 -8.78 -28.71
CA THR B 230 -19.43 -7.94 -29.07
C THR B 230 -20.72 -8.40 -28.42
N ALA B 231 -20.76 -9.59 -27.81
CA ALA B 231 -22.00 -9.98 -27.12
C ALA B 231 -21.68 -11.01 -26.04
N VAL B 232 -22.47 -10.99 -24.97
CA VAL B 232 -22.32 -11.96 -23.88
C VAL B 232 -23.72 -12.43 -23.51
N GLU B 233 -23.92 -13.75 -23.49
CA GLU B 233 -25.23 -14.29 -23.13
C GLU B 233 -25.08 -15.33 -22.02
N GLN B 234 -25.81 -15.14 -20.94
CA GLN B 234 -25.87 -16.14 -19.88
C GLN B 234 -26.89 -17.20 -20.23
N VAL B 235 -26.45 -18.45 -20.31
CA VAL B 235 -27.31 -19.54 -20.72
C VAL B 235 -26.65 -20.83 -20.25
N ASN B 236 -27.48 -21.83 -19.94
CA ASN B 236 -27.00 -23.18 -19.61
C ASN B 236 -26.12 -23.22 -18.35
N GLY B 237 -26.32 -22.30 -17.40
CA GLY B 237 -25.51 -22.28 -16.24
C GLY B 237 -24.13 -21.66 -16.44
N GLY B 238 -23.84 -21.12 -17.62
CA GLY B 238 -22.58 -20.44 -17.80
C GLY B 238 -22.82 -19.27 -18.74
N VAL B 239 -21.87 -19.00 -19.64
N VAL B 239 -21.88 -19.01 -19.64
CA VAL B 239 -21.95 -17.84 -20.51
CA VAL B 239 -21.92 -17.82 -20.49
C VAL B 239 -21.48 -18.23 -21.89
C VAL B 239 -21.44 -18.19 -21.88
N LYS B 240 -22.05 -17.56 -22.89
CA LYS B 240 -21.66 -17.66 -24.30
C LYS B 240 -21.14 -16.29 -24.69
N ILE B 241 -19.90 -16.24 -25.20
CA ILE B 241 -19.22 -15.02 -25.56
C ILE B 241 -19.10 -15.02 -27.09
N LYS B 242 -19.53 -13.95 -27.73
CA LYS B 242 -19.50 -13.84 -29.19
C LYS B 242 -18.55 -12.72 -29.57
N THR B 243 -17.74 -12.98 -30.58
CA THR B 243 -16.77 -12.02 -31.04
C THR B 243 -17.27 -11.43 -32.38
N ASP B 244 -16.56 -10.42 -32.86
CA ASP B 244 -17.08 -9.69 -34.02
C ASP B 244 -17.23 -10.55 -35.26
N ASP B 245 -16.52 -11.69 -35.37
CA ASP B 245 -16.73 -12.56 -36.51
C ASP B 245 -17.72 -13.68 -36.21
N ASP B 246 -18.49 -13.55 -35.13
CA ASP B 246 -19.57 -14.46 -34.75
C ASP B 246 -19.07 -15.80 -34.24
N GLU B 247 -17.80 -15.95 -33.93
CA GLU B 247 -17.38 -17.17 -33.21
C GLU B 247 -17.93 -17.13 -31.80
N ILE B 248 -18.15 -18.32 -31.22
CA ILE B 248 -18.74 -18.43 -29.88
C ILE B 248 -17.79 -19.23 -29.00
N ILE B 249 -17.52 -18.70 -27.81
CA ILE B 249 -16.69 -19.35 -26.80
C ILE B 249 -17.56 -19.49 -25.57
N THR B 250 -17.57 -20.67 -24.93
CA THR B 250 -18.34 -20.83 -23.71
C THR B 250 -17.46 -20.87 -22.47
N ALA B 251 -18.04 -20.50 -21.33
CA ALA B 251 -17.25 -20.40 -20.11
C ALA B 251 -18.15 -20.51 -18.89
N GLY B 252 -17.57 -20.94 -17.78
CA GLY B 252 -18.34 -20.96 -16.52
C GLY B 252 -18.62 -19.55 -16.01
N VAL B 253 -17.65 -18.64 -16.15
CA VAL B 253 -17.71 -17.27 -15.62
C VAL B 253 -16.96 -16.33 -16.58
N VAL B 254 -17.44 -15.08 -16.68
N VAL B 254 -17.41 -15.08 -16.66
CA VAL B 254 -16.76 -14.05 -17.49
CA VAL B 254 -16.76 -14.06 -17.47
C VAL B 254 -16.41 -12.89 -16.56
C VAL B 254 -16.41 -12.88 -16.59
N VAL B 255 -15.19 -12.36 -16.73
CA VAL B 255 -14.74 -11.17 -16.03
C VAL B 255 -14.67 -10.04 -17.05
N MET B 256 -15.51 -9.03 -16.89
CA MET B 256 -15.53 -7.88 -17.80
C MET B 256 -14.60 -6.81 -17.24
N THR B 257 -13.59 -6.36 -18.04
CA THR B 257 -12.69 -5.31 -17.56
C THR B 257 -12.60 -4.16 -18.53
N VAL B 258 -13.45 -4.11 -19.57
CA VAL B 258 -13.39 -3.04 -20.56
C VAL B 258 -13.73 -1.70 -19.91
N PRO B 259 -13.27 -0.58 -20.47
CA PRO B 259 -13.58 0.74 -19.87
C PRO B 259 -15.05 1.02 -19.98
N LEU B 260 -15.56 1.69 -18.95
CA LEU B 260 -16.98 2.01 -18.91
C LEU B 260 -17.47 2.66 -20.20
N ASN B 261 -16.67 3.58 -20.74
CA ASN B 261 -17.15 4.34 -21.91
C ASN B 261 -17.23 3.52 -23.18
N THR B 262 -16.80 2.24 -23.14
CA THR B 262 -16.84 1.36 -24.31
C THR B 262 -17.94 0.30 -24.20
N TYR B 263 -18.76 0.34 -23.15
CA TYR B 263 -19.78 -0.73 -23.04
C TYR B 263 -20.78 -0.71 -24.18
N LYS B 264 -20.90 0.39 -24.92
CA LYS B 264 -21.85 0.39 -26.02
C LYS B 264 -21.50 -0.63 -27.09
N HIS B 265 -20.26 -1.14 -27.12
CA HIS B 265 -19.91 -2.11 -28.14
C HIS B 265 -20.46 -3.52 -27.86
N ILE B 266 -20.98 -3.80 -26.66
CA ILE B 266 -21.27 -5.15 -26.19
C ILE B 266 -22.75 -5.29 -25.86
N ASP B 267 -23.40 -6.30 -26.46
CA ASP B 267 -24.80 -6.62 -26.14
C ASP B 267 -24.85 -7.68 -25.05
N PHE B 268 -25.61 -7.41 -23.98
CA PHE B 268 -25.77 -8.36 -22.87
C PHE B 268 -27.14 -8.99 -22.89
N THR B 269 -27.19 -10.31 -22.71
CA THR B 269 -28.44 -11.07 -22.59
C THR B 269 -28.38 -11.95 -21.35
N PRO B 270 -29.27 -11.77 -20.37
CA PRO B 270 -30.32 -10.74 -20.32
C PRO B 270 -29.69 -9.40 -20.11
N ALA B 271 -30.47 -8.30 -20.21
CA ALA B 271 -29.91 -6.97 -20.02
C ALA B 271 -29.27 -6.83 -18.65
N LEU B 272 -28.32 -5.93 -18.55
CA LEU B 272 -27.76 -5.60 -17.23
C LEU B 272 -28.78 -4.83 -16.40
N SER B 273 -28.53 -4.78 -15.09
CA SER B 273 -29.41 -4.08 -14.16
C SER B 273 -29.58 -2.64 -14.57
N LYS B 274 -30.70 -2.03 -14.14
CA LYS B 274 -30.96 -0.63 -14.47
C LYS B 274 -29.85 0.27 -13.95
N GLY B 275 -29.31 -0.02 -12.75
CA GLY B 275 -28.23 0.82 -12.23
C GLY B 275 -27.01 0.82 -13.13
N LYS B 276 -26.62 -0.37 -13.61
CA LYS B 276 -25.48 -0.46 -14.53
C LYS B 276 -25.80 0.23 -15.84
N GLN B 277 -27.04 0.07 -16.32
CA GLN B 277 -27.41 0.74 -17.57
C GLN B 277 -27.32 2.27 -17.43
N ARG B 278 -27.68 2.80 -16.26
CA ARG B 278 -27.57 4.23 -16.07
C ARG B 278 -26.11 4.66 -16.15
N PHE B 279 -25.22 3.92 -15.47
CA PHE B 279 -23.79 4.26 -15.56
C PHE B 279 -23.28 4.18 -16.99
N ILE B 280 -23.73 3.19 -17.76
CA ILE B 280 -23.26 3.04 -19.13
C ILE B 280 -23.75 4.19 -20.01
N LYS B 281 -24.99 4.64 -19.80
CA LYS B 281 -25.49 5.79 -20.52
C LYS B 281 -24.72 7.06 -20.15
N GLU B 282 -24.40 7.23 -18.88
CA GLU B 282 -23.65 8.42 -18.44
C GLU B 282 -22.20 8.41 -18.89
N GLY B 283 -21.54 7.28 -18.78
CA GLY B 283 -20.10 7.19 -18.95
C GLY B 283 -19.33 7.89 -17.83
N GLN B 284 -18.01 7.86 -17.96
CA GLN B 284 -17.17 8.69 -17.10
C GLN B 284 -16.64 9.89 -17.90
N LEU B 285 -16.13 10.90 -17.17
CA LEU B 285 -16.02 12.28 -17.72
C LEU B 285 -14.84 12.46 -18.65
N SER B 286 -13.70 11.80 -18.41
CA SER B 286 -12.43 12.32 -18.95
C SER B 286 -12.36 12.29 -20.48
N LYS B 287 -11.86 13.38 -21.05
CA LYS B 287 -11.68 13.55 -22.49
C LYS B 287 -10.20 13.86 -22.84
N GLY B 288 -9.29 13.20 -22.11
CA GLY B 288 -7.87 13.56 -22.11
C GLY B 288 -7.07 12.90 -23.25
N ALA B 289 -5.84 13.35 -23.36
CA ALA B 289 -4.88 12.81 -24.32
C ALA B 289 -3.49 13.03 -23.74
N LYS B 290 -2.46 12.48 -24.41
CA LYS B 290 -1.10 12.64 -23.88
C LYS B 290 -0.13 12.73 -25.02
N LEU B 291 0.96 13.47 -24.80
CA LEU B 291 2.00 13.58 -25.83
C LEU B 291 3.37 13.92 -25.22
N TYR B 292 4.42 13.49 -25.92
CA TYR B 292 5.79 13.89 -25.65
C TYR B 292 6.27 14.79 -26.78
N VAL B 293 7.09 15.77 -26.42
CA VAL B 293 7.69 16.66 -27.40
C VAL B 293 9.20 16.69 -27.18
N HIS B 294 9.96 16.58 -28.26
CA HIS B 294 11.40 16.72 -28.24
C HIS B 294 11.73 18.10 -28.80
N VAL B 295 12.40 18.93 -27.97
CA VAL B 295 12.90 20.25 -28.38
C VAL B 295 14.42 20.23 -28.33
N LYS B 296 15.01 21.06 -29.17
CA LYS B 296 16.47 21.10 -29.33
C LYS B 296 17.14 21.75 -28.10
N GLN B 297 16.51 22.75 -27.49
CA GLN B 297 17.11 23.40 -26.32
C GLN B 297 17.06 22.48 -25.08
N ASN B 298 18.03 22.68 -24.19
CA ASN B 298 18.07 22.02 -22.87
C ASN B 298 17.37 22.96 -21.89
N LEU B 299 16.09 22.68 -21.62
CA LEU B 299 15.30 23.43 -20.66
C LEU B 299 15.54 23.03 -19.20
N GLY B 300 16.29 21.97 -18.95
CA GLY B 300 16.48 21.55 -17.56
C GLY B 300 15.23 20.89 -17.00
N ARG B 301 15.07 20.99 -15.69
CA ARG B 301 13.96 20.32 -15.00
C ARG B 301 12.85 21.34 -14.87
N VAL B 302 11.75 21.12 -15.62
CA VAL B 302 10.66 22.09 -15.68
C VAL B 302 9.36 21.42 -15.30
N PHE B 303 8.43 22.27 -14.82
CA PHE B 303 7.07 21.88 -14.47
C PHE B 303 6.14 23.06 -14.81
N ALA B 304 5.00 22.75 -15.45
CA ALA B 304 4.05 23.82 -15.73
C ALA B 304 2.64 23.31 -15.59
N PHE B 305 1.77 24.20 -15.04
CA PHE B 305 0.31 24.03 -15.09
C PHE B 305 -0.21 24.98 -16.17
N ALA B 306 -1.27 24.57 -16.89
CA ALA B 306 -2.05 25.49 -17.70
C ALA B 306 -3.52 25.28 -17.36
N ASP B 307 -4.25 26.37 -17.16
CA ASP B 307 -5.66 26.28 -16.75
C ASP B 307 -6.53 25.78 -17.91
N GLU B 308 -7.80 25.55 -17.61
CA GLU B 308 -8.60 24.65 -18.43
C GLU B 308 -9.00 25.23 -19.77
N GLN B 309 -8.82 26.52 -19.98
CA GLN B 309 -9.13 27.08 -21.30
C GLN B 309 -7.95 26.93 -22.24
N GLN B 310 -6.82 26.40 -21.75
CA GLN B 310 -5.59 26.22 -22.50
C GLN B 310 -5.26 24.73 -22.63
N PRO B 311 -4.47 24.35 -23.64
CA PRO B 311 -4.32 22.91 -23.95
C PRO B 311 -3.27 22.11 -23.18
N LEU B 312 -2.12 22.72 -22.83
CA LEU B 312 -0.99 21.94 -22.28
C LEU B 312 -1.06 21.96 -20.75
N ASN B 313 -2.03 21.22 -20.19
CA ASN B 313 -2.41 21.47 -18.80
C ASN B 313 -1.39 20.99 -17.81
N TRP B 314 -0.64 19.92 -18.11
CA TRP B 314 0.35 19.42 -17.14
C TRP B 314 1.62 19.06 -17.89
N VAL B 315 2.70 19.82 -17.66
CA VAL B 315 3.96 19.62 -18.36
C VAL B 315 5.07 19.32 -17.34
N GLN B 316 5.88 18.29 -17.61
CA GLN B 316 7.08 18.11 -16.81
C GLN B 316 8.17 17.48 -17.68
N THR B 317 9.40 17.51 -17.16
CA THR B 317 10.54 16.98 -17.94
C THR B 317 10.62 15.46 -17.84
N ARG B 318 10.78 14.81 -18.98
CA ARG B 318 11.09 13.38 -19.00
C ARG B 318 12.60 13.11 -19.14
N ASP B 319 13.31 13.91 -19.93
CA ASP B 319 14.77 13.78 -20.07
C ASP B 319 15.33 15.11 -20.53
N TYR B 320 16.62 15.34 -20.23
CA TYR B 320 17.26 16.61 -20.60
C TYR B 320 18.78 16.43 -20.57
N SER B 321 19.47 17.14 -21.49
CA SER B 321 20.91 17.22 -21.49
C SER B 321 21.32 18.18 -22.58
N ASP B 322 22.57 18.63 -22.54
CA ASP B 322 23.03 19.48 -23.65
C ASP B 322 23.08 18.69 -24.95
N GLU B 323 23.45 17.41 -24.89
CA GLU B 323 23.58 16.64 -26.13
C GLU B 323 22.20 16.33 -26.74
N LEU B 324 21.18 16.05 -25.90
CA LEU B 324 19.87 15.60 -26.38
C LEU B 324 18.87 16.74 -26.58
N GLY B 325 18.98 17.83 -25.84
CA GLY B 325 17.85 18.75 -25.77
C GLY B 325 16.94 18.35 -24.62
N THR B 326 15.62 18.43 -24.81
CA THR B 326 14.68 18.08 -23.75
C THR B 326 13.54 17.25 -24.33
N ILE B 327 13.13 16.22 -23.60
CA ILE B 327 11.87 15.54 -23.85
C ILE B 327 10.89 15.98 -22.78
N LEU B 328 9.78 16.61 -23.18
CA LEU B 328 8.72 17.00 -22.26
C LEU B 328 7.56 16.02 -22.33
N SER B 329 7.06 15.63 -21.16
CA SER B 329 5.84 14.86 -21.02
C SER B 329 4.70 15.84 -20.76
N ILE B 330 3.65 15.78 -21.60
CA ILE B 330 2.57 16.73 -21.54
C ILE B 330 1.27 15.94 -21.50
N THR B 331 0.45 16.19 -20.48
CA THR B 331 -0.89 15.59 -20.41
C THR B 331 -1.93 16.68 -20.65
N ILE B 332 -2.93 16.33 -21.47
CA ILE B 332 -3.96 17.25 -21.97
C ILE B 332 -5.29 16.85 -21.34
N ALA B 333 -5.96 17.82 -20.70
CA ALA B 333 -7.24 17.51 -20.03
C ALA B 333 -8.36 17.24 -21.04
N ARG B 334 -8.47 18.09 -22.11
CA ARG B 334 -9.59 18.00 -23.04
C ARG B 334 -9.09 18.00 -24.47
N LYS B 335 -9.32 16.89 -25.16
CA LYS B 335 -8.84 16.76 -26.53
C LYS B 335 -9.46 17.79 -27.45
N GLU B 336 -10.61 18.40 -27.08
CA GLU B 336 -11.14 19.47 -27.93
C GLU B 336 -10.28 20.74 -27.93
N THR B 337 -9.34 20.90 -26.98
CA THR B 337 -8.48 22.10 -26.99
C THR B 337 -7.29 21.97 -27.92
N ILE B 338 -6.93 20.76 -28.32
CA ILE B 338 -5.77 20.59 -29.19
C ILE B 338 -5.88 19.21 -29.82
N ASP B 339 -5.53 19.14 -31.09
CA ASP B 339 -5.40 17.86 -31.79
C ASP B 339 -3.95 17.41 -31.63
N VAL B 340 -3.72 16.51 -30.67
CA VAL B 340 -2.36 16.08 -30.34
C VAL B 340 -1.69 15.41 -31.54
N ASN B 341 -2.46 14.96 -32.54
CA ASN B 341 -1.89 14.36 -33.76
C ASN B 341 -1.66 15.38 -34.87
N ASP B 342 -1.81 16.67 -34.57
CA ASP B 342 -1.58 17.73 -35.56
C ASP B 342 -0.27 18.41 -35.16
N ARG B 343 0.81 18.11 -35.88
CA ARG B 343 2.14 18.53 -35.42
C ARG B 343 2.26 20.05 -35.43
N ASP B 344 1.66 20.71 -36.41
CA ASP B 344 1.76 22.16 -36.47
C ASP B 344 1.11 22.79 -35.25
N ALA B 345 -0.09 22.32 -34.89
CA ALA B 345 -0.80 22.85 -33.73
C ALA B 345 0.04 22.64 -32.47
N VAL B 346 0.57 21.43 -32.30
CA VAL B 346 1.38 21.12 -31.12
C VAL B 346 2.57 22.08 -31.04
N THR B 347 3.22 22.32 -32.18
CA THR B 347 4.41 23.18 -32.15
C THR B 347 4.02 24.59 -31.73
N ARG B 348 2.88 25.08 -32.24
CA ARG B 348 2.40 26.41 -31.86
C ARG B 348 2.16 26.48 -30.35
N GLU B 349 1.49 25.47 -29.80
CA GLU B 349 1.12 25.56 -28.37
C GLU B 349 2.36 25.43 -27.49
N VAL B 350 3.29 24.54 -27.86
CA VAL B 350 4.53 24.42 -27.08
C VAL B 350 5.31 25.73 -27.11
N GLN B 351 5.38 26.39 -28.29
CA GLN B 351 6.10 27.64 -28.34
C GLN B 351 5.38 28.73 -27.55
N LYS B 352 4.03 28.69 -27.53
CA LYS B 352 3.29 29.62 -26.65
C LYS B 352 3.77 29.47 -25.22
N MET B 353 3.98 28.23 -24.75
CA MET B 353 4.46 28.05 -23.38
CA MET B 353 4.45 28.07 -23.37
C MET B 353 5.96 28.27 -23.22
N PHE B 354 6.76 27.88 -24.22
CA PHE B 354 8.22 28.02 -24.17
C PHE B 354 8.65 28.79 -25.41
N PRO B 355 8.42 30.09 -25.44
CA PRO B 355 8.78 30.88 -26.64
C PRO B 355 10.25 30.72 -27.03
N GLY B 356 10.48 30.47 -28.34
CA GLY B 356 11.83 30.36 -28.90
C GLY B 356 12.38 28.95 -29.04
N VAL B 357 11.68 27.92 -28.55
CA VAL B 357 12.20 26.57 -28.69
C VAL B 357 11.92 26.06 -30.09
N GLU B 358 12.75 25.14 -30.59
CA GLU B 358 12.48 24.48 -31.85
C GLU B 358 12.11 23.04 -31.59
N VAL B 359 10.97 22.64 -32.12
CA VAL B 359 10.43 21.29 -31.89
C VAL B 359 11.08 20.35 -32.88
N LEU B 360 11.74 19.30 -32.37
CA LEU B 360 12.36 18.34 -33.27
C LEU B 360 11.49 17.14 -33.52
N GLY B 361 10.53 16.86 -32.64
CA GLY B 361 9.64 15.73 -32.91
C GLY B 361 8.57 15.65 -31.84
N THR B 362 7.58 14.80 -32.11
CA THR B 362 6.50 14.53 -31.14
C THR B 362 6.08 13.08 -31.22
N ALA B 363 5.49 12.61 -30.11
CA ALA B 363 4.79 11.32 -30.05
C ALA B 363 3.52 11.49 -29.25
N ALA B 364 2.34 11.14 -29.81
CA ALA B 364 1.09 11.49 -29.13
C ALA B 364 0.15 10.29 -29.10
N TYR B 365 -0.80 10.33 -28.19
CA TYR B 365 -1.84 9.31 -28.09
C TYR B 365 -3.14 9.99 -27.72
N ASP B 366 -4.14 9.91 -28.63
CA ASP B 366 -5.47 10.48 -28.41
C ASP B 366 -6.36 9.39 -27.80
N TRP B 367 -6.33 9.28 -26.48
CA TRP B 367 -7.11 8.26 -25.80
C TRP B 367 -8.60 8.46 -25.99
N THR B 368 -9.01 9.69 -26.19
CA THR B 368 -10.44 9.94 -26.29
C THR B 368 -10.98 9.49 -27.66
N ALA B 369 -10.15 9.53 -28.71
CA ALA B 369 -10.58 9.07 -30.04
C ALA B 369 -10.47 7.56 -30.21
N ASP B 370 -9.69 6.87 -29.37
CA ASP B 370 -9.46 5.43 -29.51
C ASP B 370 -10.73 4.63 -29.21
N PRO B 371 -11.23 3.80 -30.14
CA PRO B 371 -12.49 3.09 -29.87
C PRO B 371 -12.47 2.18 -28.65
N PHE B 372 -11.30 1.76 -28.18
CA PHE B 372 -11.27 0.82 -27.07
C PHE B 372 -10.87 1.49 -25.76
N SER B 373 -10.89 2.84 -25.73
CA SER B 373 -10.94 3.58 -24.43
C SER B 373 -12.02 4.65 -24.41
N LEU B 374 -12.21 5.39 -25.50
CA LEU B 374 -13.26 6.42 -25.61
C LEU B 374 -13.24 7.35 -24.40
N GLY B 375 -12.03 7.78 -24.05
CA GLY B 375 -11.82 8.60 -22.88
C GLY B 375 -10.47 8.23 -22.30
N ALA B 376 -10.12 8.89 -21.19
CA ALA B 376 -8.84 8.66 -20.56
C ALA B 376 -9.00 7.97 -19.18
N TRP B 377 -8.26 8.41 -18.16
CA TRP B 377 -8.40 7.89 -16.78
C TRP B 377 -9.83 8.08 -16.25
N ALA B 378 -10.21 7.27 -15.27
CA ALA B 378 -11.56 7.39 -14.71
C ALA B 378 -11.75 8.72 -13.99
N ALA B 379 -12.87 9.41 -14.29
CA ALA B 379 -13.23 10.66 -13.61
C ALA B 379 -14.74 10.70 -13.39
N TYR B 380 -15.18 10.76 -12.11
CA TYR B 380 -16.62 10.75 -11.83
C TYR B 380 -17.23 12.15 -11.95
N GLY B 381 -18.41 12.22 -12.59
CA GLY B 381 -19.21 13.42 -12.56
C GLY B 381 -19.96 13.52 -11.24
N VAL B 382 -20.75 14.59 -11.14
CA VAL B 382 -21.50 14.87 -9.93
C VAL B 382 -22.50 13.75 -9.71
N GLY B 383 -22.57 13.23 -8.48
CA GLY B 383 -23.53 12.21 -8.13
C GLY B 383 -23.14 10.79 -8.45
N GLN B 384 -22.03 10.54 -9.15
CA GLN B 384 -21.77 9.17 -9.61
C GLN B 384 -21.14 8.30 -8.52
N LEU B 385 -20.22 8.84 -7.74
CA LEU B 385 -19.53 8.02 -6.73
C LEU B 385 -20.52 7.35 -5.80
N SER B 386 -21.60 8.08 -5.46
CA SER B 386 -22.70 7.59 -4.62
C SER B 386 -23.28 6.29 -5.13
N ARG B 387 -23.18 6.03 -6.43
CA ARG B 387 -23.82 4.87 -7.06
C ARG B 387 -22.81 3.82 -7.46
N LEU B 388 -21.55 3.97 -7.01
CA LEU B 388 -20.47 3.07 -7.42
C LEU B 388 -20.85 1.59 -7.24
N LYS B 389 -21.55 1.24 -6.16
CA LYS B 389 -21.86 -0.19 -5.96
C LYS B 389 -22.67 -0.79 -7.11
N ASP B 390 -23.48 0.03 -7.79
CA ASP B 390 -24.18 -0.43 -9.01
C ASP B 390 -23.21 -0.93 -10.05
N LEU B 391 -22.09 -0.23 -10.23
CA LEU B 391 -21.13 -0.65 -11.24
C LEU B 391 -20.35 -1.87 -10.78
N GLN B 392 -20.07 -1.96 -9.48
CA GLN B 392 -19.26 -3.07 -8.97
C GLN B 392 -20.02 -4.38 -8.94
N ALA B 393 -21.36 -4.35 -8.86
CA ALA B 393 -22.13 -5.58 -8.54
C ALA B 393 -21.94 -6.63 -9.62
N ALA B 394 -21.77 -7.89 -9.18
CA ALA B 394 -21.84 -9.00 -10.11
C ALA B 394 -23.26 -9.14 -10.63
N GLU B 395 -23.39 -9.67 -11.85
CA GLU B 395 -24.70 -9.94 -12.44
C GLU B 395 -24.72 -11.40 -12.87
N GLY B 396 -25.21 -12.28 -12.01
CA GLY B 396 -25.16 -13.70 -12.31
C GLY B 396 -23.72 -14.16 -12.44
N ARG B 397 -23.38 -14.76 -13.57
CA ARG B 397 -22.05 -15.30 -13.74
C ARG B 397 -21.11 -14.33 -14.45
N ILE B 398 -21.44 -13.04 -14.50
CA ILE B 398 -20.56 -12.03 -15.04
C ILE B 398 -20.04 -11.17 -13.88
N VAL B 399 -18.72 -11.10 -13.76
CA VAL B 399 -18.01 -10.33 -12.75
C VAL B 399 -17.50 -9.08 -13.45
N PHE B 400 -17.50 -7.95 -12.75
CA PHE B 400 -17.10 -6.66 -13.36
C PHE B 400 -15.89 -6.06 -12.64
N ALA B 401 -14.92 -5.56 -13.42
CA ALA B 401 -13.73 -4.95 -12.84
C ALA B 401 -13.29 -3.82 -13.78
N GLY B 402 -12.09 -3.32 -13.56
CA GLY B 402 -11.67 -2.07 -14.20
C GLY B 402 -11.52 -0.96 -13.18
N ALA B 403 -10.63 0.01 -13.49
CA ALA B 403 -10.31 1.06 -12.51
C ALA B 403 -11.55 1.85 -12.09
N GLU B 404 -12.46 2.13 -13.03
CA GLU B 404 -13.68 2.83 -12.67
C GLU B 404 -14.43 2.12 -11.51
N THR B 405 -14.31 0.81 -11.42
CA THR B 405 -15.04 0.01 -10.44
C THR B 405 -14.27 -0.19 -9.13
N SER B 406 -13.06 0.37 -8.97
CA SER B 406 -12.33 0.17 -7.73
C SER B 406 -12.83 1.13 -6.63
N ASN B 407 -12.47 0.80 -5.38
CA ASN B 407 -12.83 1.66 -4.26
C ASN B 407 -11.78 2.73 -3.96
N GLY B 408 -10.53 2.42 -4.14
CA GLY B 408 -9.48 3.35 -3.70
C GLY B 408 -8.96 4.30 -4.80
N TRP B 409 -7.81 3.94 -5.37
CA TRP B 409 -7.13 4.74 -6.40
C TRP B 409 -7.79 4.56 -7.78
N HIS B 410 -8.99 5.14 -7.94
CA HIS B 410 -9.79 4.81 -9.12
C HIS B 410 -9.25 5.45 -10.39
N ALA B 411 -8.41 6.46 -10.27
CA ALA B 411 -7.85 7.15 -11.44
C ALA B 411 -6.51 6.58 -11.87
N SER B 412 -6.15 5.39 -11.34
CA SER B 412 -4.76 4.94 -11.39
C SER B 412 -4.62 3.48 -11.86
N ILE B 413 -3.38 3.12 -12.14
CA ILE B 413 -3.02 1.71 -12.33
C ILE B 413 -3.39 0.89 -11.10
N ASP B 414 -3.13 1.45 -9.92
CA ASP B 414 -3.43 0.71 -8.69
C ASP B 414 -4.88 0.29 -8.61
N GLY B 415 -5.82 1.18 -8.91
CA GLY B 415 -7.23 0.81 -8.84
C GLY B 415 -7.58 -0.31 -9.82
N ALA B 416 -6.98 -0.29 -11.01
CA ALA B 416 -7.17 -1.41 -11.90
C ALA B 416 -6.71 -2.72 -11.27
N VAL B 417 -5.51 -2.73 -10.67
CA VAL B 417 -5.02 -3.96 -10.05
C VAL B 417 -5.94 -4.38 -8.91
N GLU B 418 -6.34 -3.42 -8.07
CA GLU B 418 -7.31 -3.72 -7.01
C GLU B 418 -8.54 -4.48 -7.55
N SER B 419 -9.16 -3.90 -8.59
CA SER B 419 -10.38 -4.50 -9.16
C SER B 419 -10.08 -5.89 -9.68
N GLY B 420 -8.86 -6.14 -10.21
CA GLY B 420 -8.54 -7.49 -10.68
C GLY B 420 -8.37 -8.50 -9.57
N LEU B 421 -7.80 -8.08 -8.43
CA LEU B 421 -7.73 -8.99 -7.29
C LEU B 421 -9.13 -9.32 -6.78
N ARG B 422 -9.98 -8.29 -6.70
CA ARG B 422 -11.38 -8.53 -6.31
C ARG B 422 -12.05 -9.49 -7.29
N ALA B 423 -11.81 -9.29 -8.59
CA ALA B 423 -12.44 -10.19 -9.56
C ALA B 423 -11.97 -11.62 -9.36
N GLY B 424 -10.67 -11.82 -9.13
CA GLY B 424 -10.19 -13.17 -8.89
C GLY B 424 -10.88 -13.84 -7.71
N ARG B 425 -11.01 -13.10 -6.59
CA ARG B 425 -11.75 -13.61 -5.43
C ARG B 425 -13.20 -13.99 -5.80
N GLU B 426 -13.87 -13.13 -6.56
CA GLU B 426 -15.27 -13.41 -6.94
C GLU B 426 -15.39 -14.62 -7.87
N VAL B 427 -14.46 -14.76 -8.82
CA VAL B 427 -14.43 -15.98 -9.65
C VAL B 427 -14.30 -17.22 -8.76
N LYS B 428 -13.38 -17.18 -7.77
CA LYS B 428 -13.24 -18.33 -6.88
C LYS B 428 -14.57 -18.63 -6.20
N GLN B 429 -15.26 -17.57 -5.74
CA GLN B 429 -16.53 -17.80 -5.06
C GLN B 429 -17.54 -18.44 -6.01
N LEU B 430 -17.56 -18.00 -7.26
CA LEU B 430 -18.58 -18.48 -8.21
C LEU B 430 -18.30 -19.90 -8.68
N LEU B 431 -17.02 -20.32 -8.65
CA LEU B 431 -16.69 -21.67 -9.09
C LEU B 431 -16.65 -22.66 -7.94
N SER B 432 -16.96 -22.25 -6.72
CA SER B 432 -17.02 -23.18 -5.57
C SER B 432 -18.24 -24.13 -5.53
N1 NCT C . 0.97 -2.01 20.90
C1 NCT C . 1.74 -2.49 19.92
C2 NCT C . 2.18 -1.62 18.93
C3 NCT C . 1.83 -0.27 18.93
C4 NCT C . 1.03 0.17 19.97
C5 NCT C . 0.65 -0.73 20.94
N2 NCT C . 2.81 -1.92 16.46
C6 NCT C . 3.05 -2.16 17.84
C7 NCT C . 4.55 -2.43 18.02
C8 NCT C . 4.99 -2.95 16.75
C9 NCT C . 4.02 -2.42 15.69
C10 NCT C . 1.63 -1.33 15.87
HC1 NCT C . 2.01 -3.54 19.89
HC3 NCT C . 2.17 0.40 18.15
HC4 NCT C . 0.72 1.21 20.02
HC5 NCT C . 0.05 -0.38 21.78
HC71 NCT C . 5.14 -2.27 18.91
HC81 NCT C . 6.00 -2.60 16.54
HC82 NCT C . 4.97 -4.04 16.77
HC91 NCT C . 3.74 -3.21 15.01
HC92 NCT C . 4.48 -1.59 15.14
H101 NCT C . 1.76 -0.25 15.79
H102 NCT C . 1.47 -1.74 14.88
H103 NCT C . 0.77 -1.54 16.49
PA FDA D . 7.41 -14.68 13.33
O1A FDA D . 8.23 -14.60 14.63
O2A FDA D . 5.95 -14.30 13.30
O5B FDA D . 7.54 -16.09 12.62
C5B FDA D . 8.76 -16.78 12.78
C4B FDA D . 8.41 -18.25 13.01
O4B FDA D . 9.59 -19.06 13.14
C3B FDA D . 7.62 -18.41 14.34
O3B FDA D . 6.37 -19.04 14.09
C2B FDA D . 8.56 -19.31 15.19
O2B FDA D . 7.89 -20.24 16.00
C1B FDA D . 9.36 -20.06 14.14
N9A FDA D . 10.64 -20.60 14.53
C8A FDA D . 11.61 -20.01 15.29
N7A FDA D . 12.70 -20.78 15.42
C5A FDA D . 12.42 -21.89 14.68
C6A FDA D . 13.16 -23.08 14.39
N6A FDA D . 14.39 -23.28 14.85
N1A FDA D . 12.61 -24.02 13.61
C2A FDA D . 11.37 -23.82 13.15
N3A FDA D . 10.60 -22.72 13.32
C4A FDA D . 11.16 -21.82 14.12
N1 FDA D . 2.70 -5.73 13.86
C2 FDA D . 1.68 -5.09 13.21
O2 FDA D . 1.62 -4.95 11.97
N3 FDA D . 0.73 -4.58 14.06
C4 FDA D . 0.70 -4.68 15.47
O4 FDA D . -0.24 -4.23 16.13
C4X FDA D . 1.83 -5.34 16.03
N5 FDA D . 1.92 -5.43 17.41
C5X FDA D . 2.81 -6.39 17.91
C6 FDA D . 2.68 -6.81 19.23
C7 FDA D . 3.48 -7.80 19.77
C7M FDA D . 3.30 -8.18 21.25
C8 FDA D . 4.42 -8.41 18.95
C8M FDA D . 5.32 -9.51 19.50
C9 FDA D . 4.52 -8.00 17.62
C9A FDA D . 3.72 -7.00 17.09
N10 FDA D . 3.84 -6.59 15.74
C10 FDA D . 2.78 -5.88 15.23
C1' FDA D . 4.87 -7.15 14.83
C2' FDA D . 4.41 -8.35 14.00
O2' FDA D . 3.65 -9.21 14.82
C3' FDA D . 5.67 -9.02 13.42
O3' FDA D . 6.47 -8.09 12.73
C4' FDA D . 5.42 -10.25 12.53
O4' FDA D . 4.39 -11.01 13.06
C5' FDA D . 6.71 -11.07 12.32
O5' FDA D . 6.44 -12.04 11.35
P FDA D . 7.68 -13.02 10.91
O1P FDA D . 7.05 -14.07 10.06
O2P FDA D . 8.83 -12.15 10.47
O3P FDA D . 8.23 -13.69 12.31
H51A FDA D . 9.26 -16.44 13.54
H52A FDA D . 9.34 -16.69 12.01
H4B FDA D . 7.92 -18.60 12.25
H3B FDA D . 7.49 -17.55 14.75
HO3A FDA D . 6.52 -19.74 13.64
H2B FDA D . 9.16 -18.74 15.69
HO2A FDA D . 8.37 -20.93 16.09
H1B FDA D . 8.85 -20.84 13.85
H8A FDA D . 11.51 -19.16 15.65
H61A FDA D . 15.07 -23.09 14.38
H62A FDA D . 14.51 -23.63 15.64
H2A FDA D . 11.00 -24.50 12.65
HN1 FDA D . 3.33 -6.05 13.37
HN3 FDA D . 0.08 -4.16 13.70
HN5 FDA D . 1.13 -5.38 17.84
H6 FDA D . 2.04 -6.40 19.78
HM71 FDA D . 2.99 -9.09 21.34
HM72 FDA D . 2.66 -7.60 21.68
HM73 FDA D . 4.13 -8.10 21.73
HM81 FDA D . 5.86 -9.90 18.80
HM82 FDA D . 4.80 -10.22 19.90
HM83 FDA D . 5.93 -9.17 20.18
H9 FDA D . 5.14 -8.42 17.08
H1'1 FDA D . 5.17 -6.45 14.22
H1'2 FDA D . 5.66 -7.39 15.34
H2' FDA D . 3.82 -8.08 13.28
HO2' FDA D . 4.15 -9.67 15.33
H3' FDA D . 6.17 -9.30 14.20
HO3' FDA D . 7.06 -7.77 13.27
H4' FDA D . 5.11 -9.97 11.65
HO4' FDA D . 4.64 -11.29 13.82
H5'1 FDA D . 7.42 -10.47 12.03
H5'2 FDA D . 6.98 -11.46 13.16
C1 EDO E . -4.48 8.64 20.28
O1 EDO E . -5.45 8.75 19.23
C2 EDO E . -4.78 9.63 21.37
O2 EDO E . -4.31 10.92 21.02
H11 EDO E . -3.48 8.82 19.89
H12 EDO E . -4.50 7.62 20.69
HO1 EDO E . -5.60 9.70 19.02
H21 EDO E . -4.32 9.31 22.30
H22 EDO E . -5.87 9.67 21.53
HO2 EDO E . -4.35 11.03 20.06
N1 NCT F . -0.54 13.33 -16.13
C1 NCT F . -1.31 12.33 -15.76
C2 NCT F . -1.76 12.27 -14.46
C3 NCT F . -1.38 13.21 -13.51
C4 NCT F . -0.55 14.25 -13.94
C5 NCT F . -0.16 14.26 -15.27
N2 NCT F . -2.49 10.38 -12.89
C6 NCT F . -2.68 11.14 -14.07
C7 NCT F . -4.18 11.16 -14.40
C8 NCT F . -4.70 9.93 -13.85
C9 NCT F . -3.75 9.55 -12.69
C10 NCT F . -1.30 10.31 -12.07
HC1 NCT F . -1.58 11.56 -16.47
HC3 NCT F . -1.70 13.14 -12.48
HC4 NCT F . -0.22 15.02 -13.25
HC5 NCT F . 0.46 15.08 -15.62
HC71 NCT F . -4.73 11.93 -14.94
HC81 NCT F . -5.70 10.08 -13.46
HC82 NCT F . -4.69 9.14 -14.60
HC91 NCT F . -3.51 8.49 -12.74
HC92 NCT F . -4.21 9.80 -11.74
H101 NCT F . -1.38 11.02 -11.26
H102 NCT F . -1.20 9.30 -11.67
H103 NCT F . -0.43 10.55 -12.68
PA FDA G . -7.84 -0.59 -19.56
O1A FDA G . -8.60 0.41 -20.39
O2A FDA G . -6.35 -0.43 -19.34
O5B FDA G . -8.01 -2.10 -20.10
C5B FDA G . -9.25 -2.45 -20.67
C4B FDA G . -8.97 -3.32 -21.89
O4B FDA G . -10.22 -3.71 -22.50
C3B FDA G . -8.15 -2.58 -22.96
O3B FDA G . -6.98 -3.30 -23.31
C2B FDA G . -9.15 -2.51 -24.14
O2B FDA G . -8.56 -2.60 -25.41
C1B FDA G . -10.03 -3.73 -23.91
N9A FDA G . -11.33 -3.78 -24.55
C8A FDA G . -12.27 -2.78 -24.67
N7A FDA G . -13.39 -3.19 -25.27
C5A FDA G . -13.17 -4.51 -25.53
C6A FDA G . -13.97 -5.50 -26.13
N6A FDA G . -15.19 -5.24 -26.59
N1A FDA G . -13.47 -6.74 -26.25
C2A FDA G . -12.26 -6.98 -25.75
N3A FDA G . -11.42 -6.13 -25.15
C4A FDA G . -11.92 -4.91 -25.08
N1 FDA G . -2.61 5.85 -13.75
C2 FDA G . -1.56 5.81 -12.87
O2 FDA G . -1.52 5.02 -11.91
N3 FDA G . -0.59 6.73 -13.14
C4 FDA G . -0.53 7.62 -14.21
O4 FDA G . 0.46 8.35 -14.40
C4X FDA G . -1.69 7.61 -15.03
N5 FDA G . -1.75 8.51 -16.08
C5X FDA G . -2.64 8.23 -17.09
C6 FDA G . -2.52 8.89 -18.33
C7 FDA G . -3.35 8.59 -19.38
C7M FDA G . -3.18 9.35 -20.71
C8 FDA G . -4.35 7.63 -19.21
C8M FDA G . -5.27 7.27 -20.36
C9 FDA G . -4.45 6.97 -17.99
C9A FDA G . -3.62 7.26 -16.93
N10 FDA G . -3.74 6.59 -15.67
C10 FDA G . -2.67 6.70 -14.83
C1' FDA G . -4.82 5.62 -15.40
C2' FDA G . -4.46 4.18 -15.71
O2' FDA G . -3.80 4.14 -16.95
C3' FDA G . -5.76 3.36 -15.73
O3' FDA G . -6.55 3.57 -14.58
C4' FDA G . -5.60 1.85 -15.96
O4' FDA G . -4.63 1.59 -16.93
C5' FDA G . -6.94 1.21 -16.25
O5' FDA G . -6.74 -0.20 -16.37
P FDA G . -8.05 -1.14 -16.70
O1P FDA G . -9.14 -0.77 -15.73
O2P FDA G . -7.48 -2.51 -16.88
O3P FDA G . -8.59 -0.58 -18.14
H51A FDA G . -9.79 -2.95 -20.04
H52A FDA G . -9.75 -1.67 -20.93
H4B FDA G . -8.49 -4.13 -21.64
H3B FDA G . -7.92 -1.69 -22.64
HO3A FDA G . -6.50 -3.37 -22.62
H2B FDA G . -9.70 -1.71 -24.03
HO2A FDA G . -8.00 -3.24 -25.41
H1B FDA G . -9.59 -4.52 -24.26
H8A FDA G . -12.12 -1.91 -24.36
H61A FDA G . -15.83 -5.04 -26.06
H62A FDA G . -15.35 -5.27 -27.43
H2A FDA G . -11.96 -7.86 -25.86
HN1 FDA G . -3.26 5.31 -13.59
HN3 FDA G . 0.08 6.74 -12.59
HN5 FDA G . -0.94 8.78 -16.36
H6 FDA G . -1.87 9.53 -18.43
HM71 FDA G . -3.09 8.73 -21.45
HM72 FDA G . -3.94 9.92 -20.89
HM73 FDA G . -2.38 9.89 -20.70
HM81 FDA G . -5.73 8.05 -20.71
HM82 FDA G . -4.79 6.86 -21.09
HM83 FDA G . -5.96 6.63 -20.08
H9 FDA G . -5.10 6.31 -17.89
H1'1 FDA G . -5.08 5.68 -14.47
H1'2 FDA G . -5.60 5.86 -15.90
H2' FDA G . -3.85 3.82 -15.05
HO2' FDA G . -2.97 4.27 -16.80
H3' FDA G . -6.26 3.77 -16.47
HO3' FDA G . -7.09 4.24 -14.71
H4' FDA G . -5.23 1.43 -15.17
HO4' FDA G . -4.84 2.02 -17.63
H5'1 FDA G . -7.57 1.42 -15.54
H5'2 FDA G . -7.31 1.58 -17.07
C1 EDO H . 11.45 34.18 -10.76
O1 EDO H . 12.26 33.13 -10.23
C2 EDO H . 10.76 33.72 -12.03
O2 EDO H . 11.62 33.76 -13.17
H11 EDO H . 12.08 35.05 -10.99
H12 EDO H . 10.71 34.50 -10.03
HO1 EDO H . 12.57 33.39 -9.35
H21 EDO H . 9.89 34.34 -12.22
H22 EDO H . 10.41 32.69 -11.89
HO2 EDO H . 11.12 33.52 -13.97
#